data_4CCE
#
_entry.id   4CCE
#
_cell.length_a   248.754
_cell.length_b   248.754
_cell.length_c   77.632
_cell.angle_alpha   90.00
_cell.angle_beta   90.00
_cell.angle_gamma   120.00
#
_symmetry.space_group_name_H-M   'H 3 2'
#
loop_
_entity.id
_entity.type
_entity.pdbx_description
1 polymer GALACTOCEREBROSIDASE
2 branched 2-acetamido-2-deoxy-beta-D-glucopyranose-(1-4)-2-acetamido-2-deoxy-beta-D-glucopyranose
3 non-polymer beta-D-galactopyranose
4 non-polymer 2-acetamido-2-deoxy-beta-D-glucopyranose
5 non-polymer 'CALCIUM ION'
6 water water
#
_entity_poly.entity_id   1
_entity_poly.type   'polypeptide(L)'
_entity_poly.pdbx_seq_one_letter_code
;HHHHHHIEGRGAYVLDDSDGLGREFDGIGAVSGGGATSRLLVNYPEPYRSEILDYLFKPNFGASLHILKVEIGGDGQTTD
GTEPSHMHYELDENYFRGYEWWLMKEAKKRNPDIILMGLPWSFPGWLGKGFSWPYVNLQLTAYYVVRWILGAKHYHDLDI
DYIGIWNERPFDANYIKELRKMLDYQGLQRVRIIASDNLWEPISSSLLLDQELWKVVDVIGAHYPGTYTVWNAKMSGKKL
WSSEDFSTINSNVGAGCWSRILNQNYINGNMTSTIAWNLVASYYEELPYGRSGLMTAQEPWSGHYVVASPIWVSAHTTQF
TQPGWYYLKTVGHLEKGGSYVALTDGLGNLTIIIETMSHQHSMCIRPYLPYYNVSHQLATFTLKGSLREIQELQVWYTKL
GTPQQRLHFKQLDTLWLLDGSGSFTLELEEDEIFTLTTLTTGRKGSYPPPPSSKPFPTNYKDDFNVEYPLFSEAPNFADQ
TGVFEYYMNNEDREHRFTLRQVLNQRPITWAADASSTISVIGDHHWTNMTVQCDVYIETPRSGGVFIAGRVNKGGILIRS
ATGVFFWIFANGSYRVTADLGGWITYASGHADVTAKRWYTLTLGIKGYFAFGMLNGTILWKNVRVKYPGHGWAAIGTHTF
EFAQFDNFRVEAAR
;
_entity_poly.pdbx_strand_id   A
#
loop_
_chem_comp.id
_chem_comp.type
_chem_comp.name
_chem_comp.formula
CA non-polymer 'CALCIUM ION' 'Ca 2'
GAL D-saccharide, beta linking beta-D-galactopyranose 'C6 H12 O6'
NAG D-saccharide, beta linking 2-acetamido-2-deoxy-beta-D-glucopyranose 'C8 H15 N O6'
#
# COMPACT_ATOMS: atom_id res chain seq x y z
N GLY A 11 -1.82 -0.08 40.17
CA GLY A 11 -1.28 -1.05 41.09
C GLY A 11 -1.80 -2.44 40.78
N ALA A 12 -3.06 -2.68 41.13
CA ALA A 12 -3.75 -3.91 40.75
C ALA A 12 -4.77 -3.62 39.64
N TYR A 13 -4.68 -4.37 38.54
CA TYR A 13 -5.62 -4.21 37.43
C TYR A 13 -6.54 -5.43 37.33
N VAL A 14 -7.85 -5.19 37.46
CA VAL A 14 -8.82 -6.26 37.43
C VAL A 14 -9.28 -6.59 36.02
N LEU A 15 -9.14 -7.85 35.61
CA LEU A 15 -9.72 -8.33 34.38
C LEU A 15 -10.91 -9.22 34.70
N ASP A 16 -12.06 -8.90 34.12
CA ASP A 16 -13.31 -9.57 34.47
C ASP A 16 -14.35 -9.48 33.35
N ASP A 17 -15.11 -10.57 33.18
CA ASP A 17 -16.17 -10.61 32.19
C ASP A 17 -17.55 -10.68 32.86
N SER A 18 -17.60 -10.35 34.15
CA SER A 18 -18.81 -10.53 34.94
C SER A 18 -19.88 -9.48 34.65
N ASP A 19 -19.46 -8.25 34.39
CA ASP A 19 -20.41 -7.19 34.05
C ASP A 19 -20.65 -7.15 32.54
N GLY A 20 -20.17 -8.18 31.85
CA GLY A 20 -20.35 -8.27 30.42
C GLY A 20 -19.09 -7.93 29.63
N LEU A 21 -19.25 -7.73 28.33
CA LEU A 21 -18.11 -7.59 27.45
C LEU A 21 -18.05 -6.23 26.78
N GLY A 22 -16.87 -5.89 26.25
CA GLY A 22 -16.68 -4.67 25.49
C GLY A 22 -17.16 -4.88 24.05
N ARG A 23 -16.53 -4.18 23.12
CA ARG A 23 -16.92 -4.30 21.72
C ARG A 23 -16.31 -5.54 21.07
N GLU A 24 -16.97 -6.02 20.03
CA GLU A 24 -16.43 -7.09 19.18
C GLU A 24 -15.19 -6.62 18.41
N PHE A 25 -14.12 -7.40 18.49
CA PHE A 25 -12.87 -7.15 17.76
C PHE A 25 -13.04 -7.56 16.30
N ASP A 26 -12.62 -6.69 15.39
CA ASP A 26 -12.86 -6.91 13.97
C ASP A 26 -11.63 -7.31 13.16
N GLY A 27 -10.44 -7.15 13.73
CA GLY A 27 -9.23 -7.63 13.07
C GLY A 27 -8.17 -6.59 12.81
N ILE A 28 -6.93 -7.05 12.67
CA ILE A 28 -5.83 -6.18 12.27
C ILE A 28 -5.50 -6.46 10.81
N GLY A 29 -5.23 -5.40 10.05
CA GLY A 29 -4.90 -5.57 8.65
C GLY A 29 -3.88 -4.58 8.13
N ALA A 30 -3.70 -4.59 6.81
CA ALA A 30 -2.79 -3.68 6.15
C ALA A 30 -3.28 -3.36 4.73
N VAL A 31 -2.77 -2.28 4.16
CA VAL A 31 -3.18 -1.84 2.82
C VAL A 31 -2.14 -2.17 1.76
N SER A 32 -2.56 -2.81 0.68
CA SER A 32 -1.74 -2.83 -0.51
C SER A 32 -2.37 -1.89 -1.52
N GLY A 33 -1.66 -0.81 -1.84
CA GLY A 33 -2.20 0.17 -2.77
C GLY A 33 -2.06 1.56 -2.19
N GLY A 34 -2.55 2.54 -2.94
CA GLY A 34 -2.32 3.94 -2.65
C GLY A 34 -0.87 4.27 -2.36
N GLY A 35 0.05 4.02 -3.29
CA GLY A 35 -0.27 3.50 -4.62
C GLY A 35 0.93 2.74 -5.14
N ALA A 36 0.69 1.55 -5.72
CA ALA A 36 1.76 0.71 -6.26
C ALA A 36 2.78 0.32 -5.19
N THR A 37 2.30 0.07 -3.97
CA THR A 37 3.19 -0.26 -2.86
C THR A 37 3.69 -1.69 -2.95
N SER A 38 2.96 -2.54 -3.67
CA SER A 38 3.35 -3.94 -3.84
C SER A 38 4.04 -4.18 -5.19
N ARG A 39 4.39 -3.10 -5.87
CA ARG A 39 4.86 -3.15 -7.26
C ARG A 39 6.03 -4.13 -7.51
N LEU A 40 7.04 -4.10 -6.65
CA LEU A 40 8.26 -4.91 -6.84
C LEU A 40 8.18 -6.32 -6.24
N LEU A 41 7.07 -6.65 -5.62
CA LEU A 41 6.94 -7.98 -5.01
C LEU A 41 6.70 -9.06 -6.05
N VAL A 42 5.97 -8.71 -7.11
CA VAL A 42 5.49 -9.70 -8.07
C VAL A 42 6.60 -10.46 -8.80
N ASN A 43 7.73 -9.81 -9.04
CA ASN A 43 8.83 -10.45 -9.79
C ASN A 43 9.95 -11.00 -8.89
N TYR A 44 9.67 -11.19 -7.61
CA TYR A 44 10.62 -11.92 -6.76
C TYR A 44 10.74 -13.34 -7.25
N PRO A 45 11.97 -13.88 -7.30
CA PRO A 45 12.11 -15.29 -7.62
C PRO A 45 11.57 -16.14 -6.48
N GLU A 46 11.13 -17.35 -6.76
CA GLU A 46 10.86 -18.29 -5.69
C GLU A 46 12.20 -18.77 -5.14
N PRO A 47 12.25 -19.18 -3.87
CA PRO A 47 11.13 -19.35 -2.95
C PRO A 47 10.80 -18.07 -2.18
N TYR A 48 11.56 -17.01 -2.42
CA TYR A 48 11.50 -15.80 -1.59
C TYR A 48 10.12 -15.11 -1.66
N ARG A 49 9.55 -15.03 -2.86
CA ARG A 49 8.25 -14.40 -3.02
C ARG A 49 7.23 -15.07 -2.09
N SER A 50 7.22 -16.39 -2.12
CA SER A 50 6.27 -17.18 -1.34
C SER A 50 6.55 -17.11 0.17
N GLU A 51 7.82 -16.93 0.51
CA GLU A 51 8.22 -16.77 1.90
C GLU A 51 7.69 -15.46 2.46
N ILE A 52 7.89 -14.39 1.71
CA ILE A 52 7.38 -13.07 2.06
C ILE A 52 5.88 -13.13 2.30
N LEU A 53 5.15 -13.75 1.39
CA LEU A 53 3.71 -13.90 1.52
C LEU A 53 3.32 -14.64 2.81
N ASP A 54 4.10 -15.65 3.17
CA ASP A 54 3.91 -16.38 4.43
C ASP A 54 4.11 -15.50 5.66
N TYR A 55 5.20 -14.75 5.69
CA TYR A 55 5.44 -13.83 6.81
C TYR A 55 4.26 -12.87 7.01
N LEU A 56 3.58 -12.55 5.90
CA LEU A 56 2.45 -11.64 5.94
C LEU A 56 1.13 -12.33 6.27
N PHE A 57 0.87 -13.49 5.67
CA PHE A 57 -0.49 -14.05 5.66
C PHE A 57 -0.69 -15.43 6.29
N LYS A 58 0.37 -16.23 6.37
CA LYS A 58 0.23 -17.56 6.96
C LYS A 58 -0.08 -17.48 8.45
N PRO A 59 -1.20 -18.11 8.86
CA PRO A 59 -1.65 -18.17 10.26
C PRO A 59 -0.59 -18.81 11.14
N ASN A 60 -0.46 -18.33 12.38
CA ASN A 60 0.50 -18.85 13.34
C ASN A 60 1.93 -18.95 12.80
N PHE A 61 2.37 -17.89 12.13
CA PHE A 61 3.70 -17.86 11.54
C PHE A 61 4.34 -16.49 11.72
N GLY A 62 3.85 -15.51 10.97
CA GLY A 62 4.36 -14.15 11.06
C GLY A 62 3.26 -13.16 11.42
N ALA A 63 3.09 -12.13 10.58
CA ALA A 63 2.13 -11.09 10.88
C ALA A 63 0.70 -11.64 10.92
N SER A 64 0.48 -12.79 10.28
CA SER A 64 -0.78 -13.51 10.34
C SER A 64 -1.98 -12.58 10.22
N LEU A 65 -2.00 -11.74 9.20
CA LEU A 65 -2.98 -10.67 9.11
C LEU A 65 -4.43 -11.18 8.96
N HIS A 66 -5.35 -10.50 9.65
CA HIS A 66 -6.77 -10.80 9.57
C HIS A 66 -7.46 -10.11 8.38
N ILE A 67 -6.87 -9.02 7.93
CA ILE A 67 -7.50 -8.14 6.95
C ILE A 67 -6.51 -7.72 5.87
N LEU A 68 -6.93 -7.80 4.60
CA LEU A 68 -6.15 -7.22 3.51
C LEU A 68 -7.03 -6.23 2.76
N LYS A 69 -6.57 -4.98 2.71
CA LYS A 69 -7.30 -3.92 2.04
C LYS A 69 -6.50 -3.56 0.79
N VAL A 70 -7.16 -3.54 -0.37
CA VAL A 70 -6.45 -3.18 -1.59
C VAL A 70 -7.08 -1.98 -2.28
N GLU A 71 -6.25 -1.26 -3.04
CA GLU A 71 -6.73 -0.19 -3.90
C GLU A 71 -7.47 -0.76 -5.10
N ILE A 72 -8.59 -0.15 -5.46
CA ILE A 72 -9.23 -0.44 -6.73
C ILE A 72 -8.61 0.53 -7.72
N GLY A 73 -7.62 0.04 -8.47
CA GLY A 73 -6.85 0.89 -9.38
C GLY A 73 -7.69 1.73 -10.32
N GLY A 74 -7.33 2.99 -10.47
CA GLY A 74 -8.14 3.93 -11.23
C GLY A 74 -7.35 4.62 -12.33
N ASP A 75 -6.14 4.11 -12.57
CA ASP A 75 -5.19 4.62 -13.59
C ASP A 75 -4.45 5.89 -13.17
N GLY A 76 -4.80 6.45 -12.02
CA GLY A 76 -4.14 7.67 -11.57
C GLY A 76 -2.97 7.41 -10.64
N GLN A 77 -2.11 8.40 -10.46
CA GLN A 77 -1.02 8.31 -9.49
C GLN A 77 -1.62 8.35 -8.07
N THR A 78 -1.25 7.40 -7.20
CA THR A 78 -1.90 7.32 -5.90
C THR A 78 -0.97 7.18 -4.67
N THR A 79 0.33 7.43 -4.87
CA THR A 79 1.34 7.80 -3.85
C THR A 79 2.77 7.36 -4.24
N ASP A 80 2.91 6.12 -4.71
CA ASP A 80 4.21 5.61 -5.18
C ASP A 80 4.09 5.03 -6.58
N GLY A 81 3.07 5.44 -7.30
CA GLY A 81 2.85 4.93 -8.65
C GLY A 81 1.39 4.97 -9.05
N THR A 82 1.10 4.54 -10.27
CA THR A 82 -0.28 4.40 -10.72
C THR A 82 -0.66 2.94 -10.56
N GLU A 83 -1.95 2.64 -10.45
CA GLU A 83 -2.36 1.25 -10.52
C GLU A 83 -3.43 1.10 -11.58
N PRO A 84 -3.31 0.07 -12.42
CA PRO A 84 -4.20 -0.14 -13.58
C PRO A 84 -5.65 -0.44 -13.20
N SER A 85 -6.56 0.21 -13.92
CA SER A 85 -7.99 0.00 -13.72
C SER A 85 -8.51 -1.19 -14.52
N HIS A 86 -9.65 -1.73 -14.11
CA HIS A 86 -10.31 -2.80 -14.86
C HIS A 86 -11.07 -2.24 -16.07
N MET A 87 -11.28 -0.92 -16.10
CA MET A 87 -11.95 -0.26 -17.22
C MET A 87 -11.18 0.99 -17.68
N HIS A 88 -10.19 0.84 -18.54
CA HIS A 88 -9.39 1.99 -19.02
C HIS A 88 -10.27 2.97 -19.81
N TYR A 89 -11.20 2.43 -20.58
CA TYR A 89 -12.07 3.23 -21.47
C TYR A 89 -13.48 2.71 -21.28
N GLU A 90 -14.46 3.49 -21.72
CA GLU A 90 -15.82 2.99 -21.87
C GLU A 90 -15.84 1.72 -22.72
N LEU A 91 -16.67 0.75 -22.33
CA LEU A 91 -16.78 -0.56 -22.98
C LEU A 91 -15.57 -1.47 -22.78
N ASP A 92 -14.58 -1.03 -22.02
CA ASP A 92 -13.44 -1.89 -21.76
C ASP A 92 -13.61 -2.60 -20.42
N GLU A 93 -13.39 -3.91 -20.40
CA GLU A 93 -13.36 -4.64 -19.12
C GLU A 93 -12.25 -5.69 -19.12
N ASN A 94 -11.38 -5.64 -18.11
CA ASN A 94 -10.28 -6.60 -18.04
C ASN A 94 -9.98 -6.83 -16.57
N TYR A 95 -10.06 -8.08 -16.12
CA TYR A 95 -9.97 -8.36 -14.70
C TYR A 95 -8.66 -9.06 -14.38
N PHE A 96 -7.67 -8.84 -15.23
CA PHE A 96 -6.36 -9.46 -15.08
C PHE A 96 -5.19 -8.46 -15.12
N ARG A 97 -5.46 -7.17 -14.92
CA ARG A 97 -4.39 -6.19 -14.91
C ARG A 97 -3.85 -6.00 -13.50
N GLY A 98 -2.56 -5.70 -13.41
CA GLY A 98 -1.94 -5.37 -12.13
C GLY A 98 -1.74 -6.55 -11.21
N TYR A 99 -1.63 -6.28 -9.92
CA TYR A 99 -1.21 -7.31 -9.00
C TYR A 99 -2.11 -7.52 -7.79
N GLU A 100 -3.18 -6.72 -7.67
CA GLU A 100 -4.04 -6.85 -6.48
C GLU A 100 -4.85 -8.14 -6.49
N TRP A 101 -5.27 -8.59 -7.68
CA TRP A 101 -6.00 -9.84 -7.79
C TRP A 101 -5.11 -10.99 -7.30
N TRP A 102 -3.89 -11.04 -7.83
CA TRP A 102 -2.91 -12.05 -7.45
C TRP A 102 -2.64 -12.00 -5.94
N LEU A 103 -2.48 -10.81 -5.39
CA LEU A 103 -2.21 -10.68 -3.96
C LEU A 103 -3.36 -11.21 -3.11
N MET A 104 -4.58 -10.80 -3.42
CA MET A 104 -5.74 -11.28 -2.69
C MET A 104 -5.83 -12.81 -2.74
N LYS A 105 -5.55 -13.40 -3.91
CA LYS A 105 -5.57 -14.87 -4.05
C LYS A 105 -4.48 -15.57 -3.24
N GLU A 106 -3.30 -14.96 -3.19
CA GLU A 106 -2.21 -15.53 -2.42
C GLU A 106 -2.50 -15.45 -0.92
N ALA A 107 -3.14 -14.35 -0.51
CA ALA A 107 -3.52 -14.17 0.88
C ALA A 107 -4.59 -15.20 1.23
N LYS A 108 -5.55 -15.38 0.33
CA LYS A 108 -6.65 -16.31 0.57
C LYS A 108 -6.19 -17.78 0.65
N LYS A 109 -5.22 -18.15 -0.18
CA LYS A 109 -4.68 -19.52 -0.14
C LYS A 109 -4.05 -19.85 1.22
N ARG A 110 -3.43 -18.87 1.85
CA ARG A 110 -2.79 -19.05 3.14
C ARG A 110 -3.80 -18.94 4.27
N ASN A 111 -4.69 -17.97 4.17
CA ASN A 111 -5.73 -17.80 5.17
C ASN A 111 -7.08 -17.57 4.51
N PRO A 112 -7.88 -18.63 4.39
CA PRO A 112 -9.20 -18.63 3.73
C PRO A 112 -10.21 -17.75 4.43
N ASP A 113 -9.98 -17.46 5.71
CA ASP A 113 -10.87 -16.62 6.50
C ASP A 113 -10.44 -15.15 6.49
N ILE A 114 -9.45 -14.81 5.66
CA ILE A 114 -8.99 -13.43 5.61
C ILE A 114 -10.10 -12.50 5.12
N ILE A 115 -10.12 -11.28 5.64
CA ILE A 115 -11.14 -10.31 5.29
C ILE A 115 -10.63 -9.43 4.16
N LEU A 116 -11.42 -9.28 3.09
CA LEU A 116 -10.99 -8.50 1.95
C LEU A 116 -11.74 -7.18 1.79
N MET A 117 -11.00 -6.10 1.57
CA MET A 117 -11.57 -4.78 1.34
C MET A 117 -11.02 -4.13 0.07
N GLY A 118 -11.88 -3.40 -0.63
CA GLY A 118 -11.46 -2.60 -1.79
C GLY A 118 -11.82 -1.13 -1.58
N LEU A 119 -11.02 -0.23 -2.13
CA LEU A 119 -11.32 1.20 -2.03
C LEU A 119 -10.67 1.94 -3.20
N PRO A 120 -11.44 2.80 -3.90
CA PRO A 120 -10.80 3.61 -4.95
C PRO A 120 -10.02 4.83 -4.42
N TRP A 121 -8.86 5.09 -5.00
CA TRP A 121 -8.18 6.39 -4.84
C TRP A 121 -8.45 7.29 -6.05
N SER A 122 -8.21 6.76 -7.26
CA SER A 122 -8.48 7.52 -8.49
C SER A 122 -9.53 6.79 -9.31
N PHE A 123 -9.98 7.42 -10.40
CA PHE A 123 -10.95 6.80 -11.31
C PHE A 123 -10.52 7.14 -12.73
N PRO A 124 -10.86 6.28 -13.71
CA PRO A 124 -10.58 6.61 -15.11
C PRO A 124 -11.35 7.85 -15.52
N GLY A 125 -10.73 8.67 -16.36
CA GLY A 125 -11.33 9.96 -16.68
C GLY A 125 -12.70 9.89 -17.34
N TRP A 126 -12.95 8.80 -18.08
CA TRP A 126 -14.20 8.71 -18.84
C TRP A 126 -15.42 8.69 -17.94
N LEU A 127 -15.24 8.28 -16.69
CA LEU A 127 -16.35 8.27 -15.74
C LEU A 127 -16.83 9.67 -15.41
N GLY A 128 -15.99 10.67 -15.69
CA GLY A 128 -16.30 12.04 -15.31
C GLY A 128 -17.16 12.75 -16.36
N LYS A 129 -17.29 12.12 -17.53
CA LYS A 129 -18.15 12.63 -18.62
C LYS A 129 -17.85 14.09 -18.92
N GLY A 130 -16.57 14.47 -18.90
CA GLY A 130 -16.20 15.84 -19.16
C GLY A 130 -15.57 16.57 -17.98
N PHE A 131 -15.81 16.10 -16.77
CA PHE A 131 -15.24 16.73 -15.58
C PHE A 131 -14.34 15.78 -14.82
N SER A 132 -13.46 16.31 -13.97
CA SER A 132 -12.63 15.46 -13.12
C SER A 132 -13.37 15.21 -11.81
N TRP A 133 -14.55 14.61 -11.92
CA TRP A 133 -15.42 14.44 -10.76
C TRP A 133 -16.24 13.16 -10.88
N PRO A 134 -16.16 12.28 -9.86
CA PRO A 134 -16.80 10.95 -9.93
C PRO A 134 -18.28 10.97 -9.53
N TYR A 135 -18.81 12.14 -9.16
CA TYR A 135 -20.21 12.22 -8.75
C TYR A 135 -21.09 12.92 -9.79
N VAL A 136 -20.60 13.03 -11.03
CA VAL A 136 -21.41 13.60 -12.11
C VAL A 136 -22.55 12.63 -12.46
N ASN A 137 -22.23 11.35 -12.58
CA ASN A 137 -23.24 10.34 -12.83
C ASN A 137 -23.06 9.26 -11.78
N LEU A 138 -23.88 9.33 -10.72
CA LEU A 138 -23.73 8.43 -9.58
C LEU A 138 -23.88 6.98 -10.03
N GLN A 139 -24.86 6.71 -10.88
CA GLN A 139 -25.10 5.33 -11.28
C GLN A 139 -23.90 4.77 -12.06
N LEU A 140 -23.29 5.60 -12.90
CA LEU A 140 -22.12 5.17 -13.69
C LEU A 140 -20.93 4.83 -12.81
N THR A 141 -20.63 5.71 -11.88
CA THR A 141 -19.53 5.42 -10.94
C THR A 141 -19.81 4.18 -10.10
N ALA A 142 -21.06 4.01 -9.66
CA ALA A 142 -21.38 2.82 -8.87
C ALA A 142 -21.30 1.55 -9.71
N TYR A 143 -21.70 1.66 -10.99
CA TYR A 143 -21.59 0.52 -11.92
C TYR A 143 -20.13 0.10 -12.08
N TYR A 144 -19.25 1.07 -12.25
CA TYR A 144 -17.81 0.80 -12.33
C TYR A 144 -17.27 0.06 -11.09
N VAL A 145 -17.58 0.55 -9.90
CA VAL A 145 -17.08 -0.08 -8.68
C VAL A 145 -17.65 -1.49 -8.50
N VAL A 146 -18.95 -1.63 -8.73
CA VAL A 146 -19.58 -2.93 -8.57
C VAL A 146 -19.04 -3.97 -9.59
N ARG A 147 -18.69 -3.51 -10.80
CA ARG A 147 -18.04 -4.41 -11.79
C ARG A 147 -16.82 -5.05 -11.16
N TRP A 148 -16.07 -4.25 -10.42
CA TRP A 148 -14.81 -4.72 -9.85
C TRP A 148 -15.10 -5.84 -8.87
N ILE A 149 -16.16 -5.65 -8.07
CA ILE A 149 -16.49 -6.61 -7.03
C ILE A 149 -16.95 -7.92 -7.66
N LEU A 150 -17.82 -7.81 -8.68
CA LEU A 150 -18.32 -8.97 -9.42
C LEU A 150 -17.18 -9.75 -10.09
N GLY A 151 -16.27 -9.00 -10.71
CA GLY A 151 -15.10 -9.60 -11.34
C GLY A 151 -14.24 -10.38 -10.36
N ALA A 152 -14.05 -9.83 -9.17
CA ALA A 152 -13.29 -10.52 -8.12
C ALA A 152 -13.86 -11.90 -7.88
N LYS A 153 -15.19 -11.98 -7.82
CA LYS A 153 -15.86 -13.26 -7.64
C LYS A 153 -15.76 -14.13 -8.91
N HIS A 154 -16.16 -13.58 -10.04
CA HIS A 154 -16.29 -14.37 -11.27
C HIS A 154 -14.98 -14.87 -11.85
N TYR A 155 -13.92 -14.07 -11.75
CA TYR A 155 -12.66 -14.48 -12.36
C TYR A 155 -11.63 -15.00 -11.36
N HIS A 156 -11.77 -14.68 -10.08
CA HIS A 156 -10.76 -15.07 -9.10
C HIS A 156 -11.27 -15.84 -7.88
N ASP A 157 -12.59 -16.05 -7.82
CA ASP A 157 -13.23 -16.71 -6.69
C ASP A 157 -13.00 -15.94 -5.38
N LEU A 158 -13.03 -14.61 -5.46
CA LEU A 158 -12.82 -13.78 -4.29
C LEU A 158 -14.11 -13.13 -3.85
N ASP A 159 -14.43 -13.28 -2.58
CA ASP A 159 -15.52 -12.56 -1.98
C ASP A 159 -14.98 -11.31 -1.31
N ILE A 160 -15.34 -10.14 -1.87
CA ILE A 160 -14.96 -8.88 -1.27
C ILE A 160 -15.91 -8.60 -0.11
N ASP A 161 -15.36 -8.38 1.08
CA ASP A 161 -16.20 -8.16 2.26
C ASP A 161 -16.62 -6.69 2.45
N TYR A 162 -15.71 -5.77 2.18
CA TYR A 162 -16.00 -4.35 2.44
C TYR A 162 -15.69 -3.50 1.22
N ILE A 163 -16.56 -2.52 0.94
CA ILE A 163 -16.31 -1.56 -0.14
C ILE A 163 -16.34 -0.15 0.44
N GLY A 164 -15.39 0.70 0.03
CA GLY A 164 -15.32 2.07 0.52
C GLY A 164 -15.79 3.05 -0.54
N ILE A 165 -15.57 4.34 -0.30
CA ILE A 165 -16.18 5.38 -1.13
C ILE A 165 -15.14 6.04 -2.04
N TRP A 166 -14.40 7.02 -1.51
CA TRP A 166 -13.35 7.69 -2.29
C TRP A 166 -12.24 8.12 -1.34
N ASN A 167 -11.10 7.42 -1.40
CA ASN A 167 -10.04 7.59 -0.40
C ASN A 167 -9.64 9.01 -0.09
N GLU A 168 -9.88 9.44 1.15
CA GLU A 168 -9.49 10.77 1.60
C GLU A 168 -10.05 11.90 0.77
N ARG A 169 -11.24 11.70 0.21
CA ARG A 169 -11.85 12.70 -0.66
C ARG A 169 -13.31 12.79 -0.26
N PRO A 170 -14.01 13.84 -0.71
CA PRO A 170 -15.39 13.99 -0.23
C PRO A 170 -16.28 12.82 -0.61
N PHE A 171 -17.27 12.53 0.23
CA PHE A 171 -18.28 11.55 -0.13
C PHE A 171 -19.52 12.29 -0.61
N ASP A 172 -20.39 11.59 -1.32
CA ASP A 172 -21.68 12.14 -1.70
C ASP A 172 -22.70 11.18 -1.10
N ALA A 173 -23.63 11.69 -0.32
CA ALA A 173 -24.55 10.80 0.42
C ALA A 173 -25.43 9.99 -0.54
N ASN A 174 -25.83 10.64 -1.63
CA ASN A 174 -26.62 10.00 -2.67
C ASN A 174 -25.83 8.91 -3.40
N TYR A 175 -24.53 9.14 -3.64
CA TYR A 175 -23.68 8.08 -4.18
C TYR A 175 -23.68 6.87 -3.28
N ILE A 176 -23.51 7.10 -1.97
CA ILE A 176 -23.44 5.97 -1.05
C ILE A 176 -24.73 5.16 -1.11
N LYS A 177 -25.86 5.87 -1.13
CA LYS A 177 -27.16 5.22 -1.28
C LYS A 177 -27.27 4.47 -2.60
N GLU A 178 -26.80 5.08 -3.70
CA GLU A 178 -26.86 4.42 -5.01
C GLU A 178 -25.96 3.18 -5.04
N LEU A 179 -24.80 3.27 -4.38
CA LEU A 179 -23.89 2.14 -4.32
C LEU A 179 -24.53 0.95 -3.58
N ARG A 180 -25.25 1.23 -2.50
CA ARG A 180 -25.94 0.15 -1.76
C ARG A 180 -27.05 -0.49 -2.63
N LYS A 181 -27.78 0.36 -3.36
CA LYS A 181 -28.85 -0.11 -4.24
C LYS A 181 -28.28 -1.01 -5.34
N MET A 182 -27.23 -0.53 -5.97
CA MET A 182 -26.54 -1.25 -7.05
C MET A 182 -25.97 -2.58 -6.58
N LEU A 183 -25.34 -2.60 -5.39
CA LEU A 183 -24.80 -3.82 -4.81
C LEU A 183 -25.91 -4.84 -4.61
N ASP A 184 -26.99 -4.41 -3.96
CA ASP A 184 -28.11 -5.32 -3.69
C ASP A 184 -28.67 -5.86 -5.01
N TYR A 185 -28.86 -4.97 -5.99
CA TYR A 185 -29.43 -5.32 -7.29
C TYR A 185 -28.61 -6.38 -8.03
N GLN A 186 -27.30 -6.40 -7.79
CA GLN A 186 -26.42 -7.37 -8.43
C GLN A 186 -26.17 -8.57 -7.54
N GLY A 187 -26.98 -8.73 -6.49
CA GLY A 187 -26.86 -9.90 -5.64
C GLY A 187 -25.72 -9.85 -4.63
N LEU A 188 -25.24 -8.64 -4.32
CA LEU A 188 -24.12 -8.51 -3.40
C LEU A 188 -24.58 -7.93 -2.07
N GLN A 189 -25.70 -8.43 -1.56
CA GLN A 189 -26.21 -7.96 -0.27
C GLN A 189 -25.23 -8.20 0.85
N ARG A 190 -24.37 -9.21 0.71
CA ARG A 190 -23.41 -9.51 1.79
C ARG A 190 -22.25 -8.51 1.88
N VAL A 191 -22.02 -7.76 0.80
CA VAL A 191 -20.93 -6.78 0.81
C VAL A 191 -21.31 -5.62 1.72
N ARG A 192 -20.43 -5.28 2.65
CA ARG A 192 -20.69 -4.14 3.55
C ARG A 192 -19.96 -2.88 3.12
N ILE A 193 -20.53 -1.73 3.47
CA ILE A 193 -19.97 -0.43 3.10
C ILE A 193 -19.27 0.26 4.28
N ILE A 194 -18.05 0.73 4.05
CA ILE A 194 -17.34 1.51 5.06
C ILE A 194 -17.17 2.94 4.53
N ALA A 195 -17.38 3.93 5.39
CA ALA A 195 -17.24 5.34 4.98
C ALA A 195 -16.58 6.19 6.07
N SER A 196 -15.90 7.28 5.70
CA SER A 196 -15.70 7.70 4.31
C SER A 196 -14.22 7.72 4.01
N ASP A 197 -13.45 6.96 4.80
CA ASP A 197 -12.01 6.87 4.64
C ASP A 197 -11.33 8.25 4.60
N ASN A 198 -11.71 9.07 5.57
CA ASN A 198 -11.18 10.41 5.70
C ASN A 198 -11.19 10.77 7.21
N LEU A 199 -11.80 11.90 7.59
CA LEU A 199 -11.88 12.26 9.02
C LEU A 199 -13.20 11.78 9.63
N TRP A 200 -13.38 11.94 10.94
CA TRP A 200 -14.62 11.50 11.57
C TRP A 200 -15.82 12.28 11.03
N GLU A 201 -15.57 13.52 10.63
CA GLU A 201 -16.60 14.38 10.07
C GLU A 201 -16.25 14.74 8.62
N PRO A 202 -17.26 14.96 7.78
CA PRO A 202 -18.68 15.06 8.13
C PRO A 202 -19.45 13.71 8.15
N ILE A 203 -18.80 12.56 7.94
CA ILE A 203 -19.57 11.29 7.93
C ILE A 203 -20.37 11.01 9.21
N SER A 204 -19.77 11.26 10.38
CA SER A 204 -20.40 10.90 11.66
C SER A 204 -21.69 11.69 11.93
N SER A 205 -21.65 13.01 11.73
CA SER A 205 -22.87 13.81 11.88
C SER A 205 -23.90 13.50 10.79
N SER A 206 -23.45 13.21 9.57
CA SER A 206 -24.38 12.87 8.50
C SER A 206 -25.21 11.63 8.82
N LEU A 207 -24.57 10.65 9.45
CA LEU A 207 -25.27 9.44 9.87
C LEU A 207 -26.34 9.72 10.95
N LEU A 208 -26.15 10.74 11.78
CA LEU A 208 -27.12 11.05 12.84
C LEU A 208 -28.31 11.83 12.29
N LEU A 209 -28.09 12.56 11.21
CA LEU A 209 -29.09 13.44 10.66
C LEU A 209 -29.94 12.77 9.58
N ASP A 210 -29.50 11.61 9.11
CA ASP A 210 -30.11 10.99 7.93
C ASP A 210 -30.27 9.50 8.18
N GLN A 211 -31.48 9.09 8.54
CA GLN A 211 -31.77 7.70 8.84
C GLN A 211 -31.45 6.77 7.63
N GLU A 212 -31.78 7.22 6.43
CA GLU A 212 -31.53 6.37 5.25
C GLU A 212 -30.03 6.14 5.03
N LEU A 213 -29.21 7.16 5.28
CA LEU A 213 -27.76 7.00 5.17
C LEU A 213 -27.26 6.09 6.28
N TRP A 214 -27.78 6.30 7.49
CA TRP A 214 -27.41 5.47 8.62
C TRP A 214 -27.60 3.98 8.28
N LYS A 215 -28.70 3.68 7.62
CA LYS A 215 -28.99 2.26 7.30
C LYS A 215 -27.99 1.63 6.32
N VAL A 216 -27.44 2.41 5.39
CA VAL A 216 -26.57 1.82 4.36
C VAL A 216 -25.08 1.81 4.70
N VAL A 217 -24.67 2.50 5.77
CA VAL A 217 -23.26 2.49 6.17
C VAL A 217 -23.03 1.52 7.32
N ASP A 218 -22.17 0.52 7.12
CA ASP A 218 -21.96 -0.47 8.17
C ASP A 218 -20.82 -0.12 9.12
N VAL A 219 -19.80 0.58 8.61
CA VAL A 219 -18.61 0.86 9.40
C VAL A 219 -18.14 2.30 9.14
N ILE A 220 -17.78 3.02 10.20
CA ILE A 220 -17.15 4.34 10.02
C ILE A 220 -15.64 4.14 10.05
N GLY A 221 -14.98 4.39 8.93
CA GLY A 221 -13.54 4.21 8.84
C GLY A 221 -12.85 5.56 8.77
N ALA A 222 -12.00 5.83 9.75
CA ALA A 222 -11.31 7.13 9.82
C ALA A 222 -9.81 6.93 9.65
N HIS A 223 -9.14 7.96 9.13
CA HIS A 223 -7.70 7.87 8.90
C HIS A 223 -6.86 8.63 9.93
N TYR A 224 -5.73 8.04 10.29
CA TYR A 224 -4.76 8.66 11.21
C TYR A 224 -5.40 9.42 12.38
N PRO A 225 -6.23 8.72 13.18
CA PRO A 225 -7.04 9.40 14.19
C PRO A 225 -6.28 9.72 15.48
N GLY A 226 -5.04 9.28 15.62
CA GLY A 226 -4.30 9.55 16.84
C GLY A 226 -4.93 8.88 18.06
N THR A 227 -5.46 7.68 17.84
CA THR A 227 -6.05 6.82 18.88
C THR A 227 -7.41 7.29 19.40
N TYR A 228 -7.86 8.47 18.97
CA TYR A 228 -9.15 9.00 19.43
C TYR A 228 -10.25 9.01 18.38
N THR A 229 -11.50 9.03 18.87
CA THR A 229 -12.67 9.23 18.02
C THR A 229 -13.39 10.54 18.39
N VAL A 230 -14.65 10.71 17.99
CA VAL A 230 -15.39 11.94 18.31
C VAL A 230 -16.78 11.53 18.80
N TRP A 231 -17.46 12.42 19.51
CA TRP A 231 -18.74 12.07 20.14
C TRP A 231 -19.79 11.56 19.15
N ASN A 232 -19.95 12.24 18.01
CA ASN A 232 -20.93 11.81 17.02
C ASN A 232 -20.72 10.37 16.51
N ALA A 233 -19.46 9.91 16.47
CA ALA A 233 -19.18 8.55 16.01
C ALA A 233 -19.57 7.50 17.05
N LYS A 234 -19.28 7.77 18.33
CA LYS A 234 -19.76 6.90 19.40
C LYS A 234 -21.30 6.82 19.39
N MET A 235 -21.94 7.98 19.27
CA MET A 235 -23.40 8.07 19.23
C MET A 235 -24.06 7.29 18.10
N SER A 236 -23.33 7.13 16.99
CA SER A 236 -23.89 6.46 15.81
C SER A 236 -24.15 4.98 16.12
N GLY A 237 -23.38 4.44 17.05
CA GLY A 237 -23.45 3.03 17.36
C GLY A 237 -22.81 2.14 16.30
N LYS A 238 -22.18 2.74 15.30
CA LYS A 238 -21.48 1.95 14.28
C LYS A 238 -20.14 1.42 14.78
N LYS A 239 -19.70 0.30 14.22
CA LYS A 239 -18.31 -0.11 14.33
C LYS A 239 -17.42 1.04 13.85
N LEU A 240 -16.32 1.28 14.57
CA LEU A 240 -15.37 2.34 14.24
C LEU A 240 -14.04 1.68 13.98
N TRP A 241 -13.46 1.94 12.80
CA TRP A 241 -12.16 1.38 12.46
C TRP A 241 -11.19 2.51 12.18
N SER A 242 -9.94 2.31 12.56
CA SER A 242 -8.87 3.13 12.01
C SER A 242 -8.54 2.49 10.66
N SER A 243 -9.27 2.89 9.61
CA SER A 243 -9.17 2.21 8.32
C SER A 243 -7.87 2.52 7.56
N GLU A 244 -7.11 3.50 8.06
CA GLU A 244 -5.74 3.71 7.61
C GLU A 244 -4.91 4.38 8.69
N ASP A 245 -3.75 3.79 9.02
CA ASP A 245 -2.91 4.31 10.09
C ASP A 245 -1.46 3.91 9.80
N PHE A 246 -0.55 4.13 10.76
CA PHE A 246 0.88 3.75 10.65
C PHE A 246 1.68 4.67 9.70
N SER A 247 1.94 4.21 8.47
CA SER A 247 2.65 5.04 7.49
C SER A 247 4.00 5.60 8.03
N THR A 248 4.65 4.81 8.88
CA THR A 248 5.92 5.23 9.49
C THR A 248 7.02 4.23 9.11
N ILE A 249 8.25 4.73 8.89
CA ILE A 249 9.38 3.85 8.55
C ILE A 249 9.49 2.64 9.46
N ASN A 250 9.66 1.46 8.87
CA ASN A 250 9.61 0.22 9.65
C ASN A 250 10.86 -0.09 10.48
N SER A 251 11.46 0.97 11.02
CA SER A 251 12.52 0.83 12.03
C SER A 251 11.90 0.39 13.35
N ASN A 252 12.71 0.38 14.39
CA ASN A 252 12.20 0.10 15.73
C ASN A 252 11.20 1.17 16.19
N VAL A 253 11.44 2.41 15.76
CA VAL A 253 10.54 3.53 16.05
C VAL A 253 9.16 3.29 15.43
N GLY A 254 9.16 2.90 14.16
CA GLY A 254 7.91 2.52 13.50
C GLY A 254 7.21 1.38 14.22
N ALA A 255 7.99 0.39 14.65
CA ALA A 255 7.41 -0.75 15.34
C ALA A 255 6.74 -0.34 16.65
N GLY A 256 7.34 0.63 17.34
CA GLY A 256 6.78 1.13 18.60
C GLY A 256 5.46 1.85 18.39
N CYS A 257 5.43 2.69 17.36
CA CYS A 257 4.21 3.41 16.99
C CYS A 257 3.07 2.43 16.77
N TRP A 258 3.35 1.37 16.01
CA TRP A 258 2.36 0.34 15.65
C TRP A 258 1.92 -0.41 16.89
N SER A 259 2.87 -0.79 17.73
CA SER A 259 2.56 -1.43 19.00
C SER A 259 1.58 -0.60 19.84
N ARG A 260 1.92 0.67 20.02
CA ARG A 260 1.12 1.54 20.87
C ARG A 260 -0.29 1.80 20.32
N ILE A 261 -0.42 2.06 19.01
CA ILE A 261 -1.74 2.39 18.47
C ILE A 261 -2.62 1.14 18.38
N LEU A 262 -2.02 -0.03 18.23
CA LEU A 262 -2.80 -1.27 18.15
C LEU A 262 -3.66 -1.44 19.40
N ASN A 263 -3.04 -1.22 20.57
CA ASN A 263 -3.75 -1.21 21.86
C ASN A 263 -4.64 0.02 22.03
N GLN A 264 -4.05 1.21 21.91
CA GLN A 264 -4.73 2.45 22.30
C GLN A 264 -5.85 2.96 21.36
N ASN A 265 -5.87 2.50 20.11
CA ASN A 265 -6.99 2.82 19.23
C ASN A 265 -8.30 2.32 19.83
N TYR A 266 -8.28 1.12 20.41
CA TYR A 266 -9.47 0.64 21.09
C TYR A 266 -9.69 1.33 22.44
N ILE A 267 -8.64 1.35 23.27
CA ILE A 267 -8.75 1.94 24.60
C ILE A 267 -9.20 3.38 24.55
N ASN A 268 -8.57 4.18 23.70
CA ASN A 268 -8.87 5.61 23.68
C ASN A 268 -10.01 5.97 22.73
N GLY A 269 -10.18 5.19 21.66
CA GLY A 269 -11.08 5.58 20.58
C GLY A 269 -12.20 4.61 20.22
N ASN A 270 -12.32 3.51 20.97
CA ASN A 270 -13.37 2.51 20.72
C ASN A 270 -13.25 1.90 19.32
N MET A 271 -12.05 1.93 18.76
CA MET A 271 -11.81 1.41 17.42
C MET A 271 -11.46 -0.06 17.48
N THR A 272 -12.21 -0.87 16.74
CA THR A 272 -12.13 -2.32 16.84
C THR A 272 -11.37 -2.97 15.67
N SER A 273 -10.83 -2.12 14.80
CA SER A 273 -9.88 -2.59 13.80
C SER A 273 -8.88 -1.48 13.51
N THR A 274 -7.64 -1.86 13.22
CA THR A 274 -6.64 -0.91 12.75
C THR A 274 -5.97 -1.52 11.53
N ILE A 275 -5.84 -0.71 10.47
CA ILE A 275 -5.27 -1.18 9.20
C ILE A 275 -4.07 -0.30 8.83
N ALA A 276 -2.90 -0.93 8.73
CA ALA A 276 -1.66 -0.21 8.41
C ALA A 276 -1.48 0.09 6.93
N TRP A 277 -1.16 1.34 6.59
CA TRP A 277 -0.57 1.62 5.29
C TRP A 277 0.94 1.65 5.53
N ASN A 278 1.71 0.79 4.86
CA ASN A 278 1.23 -0.21 3.91
C ASN A 278 1.68 -1.64 4.24
N LEU A 279 1.19 -2.61 3.46
CA LEU A 279 1.42 -4.03 3.73
C LEU A 279 2.90 -4.45 3.70
N VAL A 280 3.60 -4.04 2.66
CA VAL A 280 5.01 -4.40 2.49
C VAL A 280 5.62 -3.35 1.60
N ALA A 281 6.79 -2.85 1.98
CA ALA A 281 7.44 -1.85 1.15
C ALA A 281 8.12 -2.50 -0.06
N SER A 282 7.32 -2.71 -1.11
CA SER A 282 7.83 -3.21 -2.38
C SER A 282 7.79 -2.10 -3.43
N TYR A 283 8.39 -0.97 -3.11
CA TYR A 283 8.50 0.13 -4.05
C TYR A 283 9.82 0.81 -3.79
N TYR A 284 10.41 1.43 -4.82
CA TYR A 284 11.71 2.10 -4.67
C TYR A 284 11.71 3.04 -3.47
N GLU A 285 12.71 2.91 -2.61
CA GLU A 285 12.74 3.58 -1.29
C GLU A 285 12.79 5.09 -1.40
N GLU A 286 13.27 5.59 -2.53
CA GLU A 286 13.36 7.03 -2.76
C GLU A 286 12.05 7.63 -3.30
N LEU A 287 11.06 6.77 -3.54
CA LEU A 287 9.68 7.24 -3.77
C LEU A 287 9.11 7.69 -2.41
N PRO A 288 8.03 8.50 -2.40
CA PRO A 288 7.50 9.02 -1.13
C PRO A 288 7.19 7.97 -0.06
N TYR A 289 7.50 8.29 1.20
CA TYR A 289 7.25 7.39 2.33
C TYR A 289 7.94 6.03 2.16
N GLY A 290 9.16 6.04 1.63
CA GLY A 290 9.93 4.82 1.47
C GLY A 290 10.06 4.01 2.75
N ARG A 291 10.06 2.68 2.61
CA ARG A 291 10.17 1.76 3.75
C ARG A 291 9.10 1.92 4.84
N SER A 292 7.88 2.31 4.44
CA SER A 292 6.77 2.42 5.40
C SER A 292 5.76 1.28 5.31
N GLY A 293 6.26 0.06 5.14
CA GLY A 293 5.42 -1.12 5.19
C GLY A 293 5.77 -1.97 6.42
N LEU A 294 4.95 -2.96 6.72
CA LEU A 294 5.21 -3.80 7.89
C LEU A 294 6.53 -4.56 7.75
N MET A 295 6.93 -4.82 6.51
CA MET A 295 8.26 -5.33 6.21
C MET A 295 8.77 -4.73 4.91
N THR A 296 9.95 -5.16 4.47
CA THR A 296 10.60 -4.59 3.30
C THR A 296 10.92 -5.67 2.25
N ALA A 297 10.52 -5.43 1.00
CA ALA A 297 10.86 -6.31 -0.11
C ALA A 297 11.00 -5.50 -1.38
N GLN A 298 12.08 -4.71 -1.45
CA GLN A 298 12.27 -3.77 -2.55
C GLN A 298 13.42 -4.16 -3.50
N GLU A 299 13.75 -5.45 -3.56
CA GLU A 299 14.85 -5.90 -4.43
C GLU A 299 14.56 -7.25 -5.09
N PRO A 300 13.59 -7.30 -6.01
CA PRO A 300 13.30 -8.57 -6.68
C PRO A 300 14.49 -9.12 -7.48
N TRP A 301 15.37 -8.25 -7.96
CA TRP A 301 16.56 -8.67 -8.70
C TRP A 301 17.55 -9.45 -7.84
N SER A 302 17.52 -9.24 -6.53
CA SER A 302 18.46 -9.94 -5.63
C SER A 302 17.77 -11.01 -4.77
N GLY A 303 16.49 -10.80 -4.46
CA GLY A 303 15.75 -11.71 -3.60
C GLY A 303 15.80 -11.31 -2.15
N HIS A 304 16.58 -10.27 -1.88
CA HIS A 304 16.76 -9.79 -0.52
C HIS A 304 15.48 -9.17 0.02
N TYR A 305 15.05 -9.61 1.20
CA TYR A 305 13.94 -8.96 1.90
C TYR A 305 14.26 -8.85 3.39
N VAL A 306 13.57 -7.97 4.10
CA VAL A 306 13.81 -7.77 5.53
C VAL A 306 12.52 -7.99 6.30
N VAL A 307 12.53 -8.96 7.21
CA VAL A 307 11.40 -9.16 8.11
C VAL A 307 11.52 -8.13 9.22
N ALA A 308 10.94 -6.95 8.99
CA ALA A 308 11.10 -5.83 9.91
C ALA A 308 10.32 -6.02 11.20
N SER A 309 10.71 -5.27 12.23
CA SER A 309 10.06 -5.28 13.55
C SER A 309 8.51 -5.29 13.56
N PRO A 310 7.87 -4.45 12.72
CA PRO A 310 6.40 -4.37 12.85
C PRO A 310 5.73 -5.72 12.60
N ILE A 311 6.39 -6.61 11.85
CA ILE A 311 5.89 -7.96 11.63
C ILE A 311 5.64 -8.68 12.97
N TRP A 312 6.59 -8.55 13.89
CA TRP A 312 6.49 -9.23 15.18
C TRP A 312 5.57 -8.48 16.13
N VAL A 313 5.53 -7.16 16.01
CA VAL A 313 4.55 -6.38 16.76
C VAL A 313 3.14 -6.84 16.38
N SER A 314 2.90 -7.04 15.09
CA SER A 314 1.61 -7.54 14.63
C SER A 314 1.28 -8.89 15.27
N ALA A 315 2.22 -9.81 15.20
CA ALA A 315 2.06 -11.16 15.75
C ALA A 315 1.52 -11.18 17.19
N HIS A 316 2.01 -10.26 18.02
CA HIS A 316 1.58 -10.18 19.42
C HIS A 316 0.07 -10.06 19.58
N THR A 317 -0.62 -9.55 18.55
CA THR A 317 -2.07 -9.48 18.56
C THR A 317 -2.68 -10.52 17.63
N THR A 318 -2.24 -10.53 16.38
CA THR A 318 -2.87 -11.33 15.35
C THR A 318 -2.80 -12.85 15.57
N GLN A 319 -1.71 -13.35 16.13
CA GLN A 319 -1.58 -14.78 16.41
C GLN A 319 -2.47 -15.23 17.57
N PHE A 320 -2.97 -14.27 18.34
CA PHE A 320 -3.65 -14.60 19.59
C PHE A 320 -5.04 -13.99 19.73
N THR A 321 -5.53 -13.42 18.62
CA THR A 321 -6.89 -12.92 18.50
C THR A 321 -7.42 -13.31 17.12
N GLN A 322 -8.74 -13.26 16.94
CA GLN A 322 -9.37 -13.44 15.63
C GLN A 322 -10.61 -12.56 15.57
N PRO A 323 -10.96 -12.06 14.36
CA PRO A 323 -12.21 -11.32 14.18
C PRO A 323 -13.36 -12.13 14.78
N GLY A 324 -14.18 -11.52 15.61
CA GLY A 324 -15.26 -12.23 16.25
C GLY A 324 -15.03 -12.47 17.74
N TRP A 325 -13.78 -12.38 18.20
CA TRP A 325 -13.50 -12.28 19.62
C TRP A 325 -14.09 -10.99 20.15
N TYR A 326 -14.21 -10.87 21.48
CA TYR A 326 -14.68 -9.63 22.10
C TYR A 326 -13.63 -9.04 23.04
N TYR A 327 -13.50 -7.71 23.02
CA TYR A 327 -12.73 -7.03 24.04
C TYR A 327 -13.46 -7.17 25.37
N LEU A 328 -12.70 -7.17 26.47
CA LEU A 328 -13.32 -7.10 27.79
C LEU A 328 -13.63 -5.64 28.10
N LYS A 329 -14.53 -5.41 29.05
CA LYS A 329 -14.79 -4.05 29.52
C LYS A 329 -13.55 -3.54 30.23
N THR A 330 -12.76 -4.47 30.74
CA THR A 330 -11.59 -4.15 31.56
C THR A 330 -10.31 -3.99 30.75
N VAL A 331 -10.13 -2.82 30.15
CA VAL A 331 -8.88 -2.47 29.49
C VAL A 331 -8.51 -1.06 29.94
N GLY A 332 -7.25 -0.68 29.81
CA GLY A 332 -6.89 0.67 30.19
C GLY A 332 -5.40 0.99 30.11
N HIS A 333 -5.05 2.12 30.70
CA HIS A 333 -3.67 2.57 30.75
C HIS A 333 -2.97 2.08 32.02
N LEU A 334 -1.65 2.01 31.96
CA LEU A 334 -0.85 1.61 33.12
C LEU A 334 -0.46 2.84 33.94
N GLU A 335 -0.41 2.67 35.27
CA GLU A 335 -0.14 3.76 36.20
C GLU A 335 1.06 4.62 35.79
N LYS A 336 2.15 3.97 35.38
CA LYS A 336 3.39 4.67 35.04
C LYS A 336 3.65 4.71 33.52
N GLY A 337 2.58 4.55 32.73
CA GLY A 337 2.69 4.63 31.28
C GLY A 337 2.57 3.29 30.57
N GLY A 338 2.01 3.32 29.36
CA GLY A 338 1.74 2.10 28.62
C GLY A 338 0.31 1.68 28.84
N SER A 339 -0.06 0.54 28.28
CA SER A 339 -1.48 0.15 28.25
C SER A 339 -1.63 -1.36 28.18
N TYR A 340 -2.84 -1.82 28.44
CA TYR A 340 -3.14 -3.24 28.36
C TYR A 340 -4.53 -3.41 27.77
N VAL A 341 -4.68 -4.36 26.86
CA VAL A 341 -6.00 -4.78 26.43
C VAL A 341 -6.12 -6.27 26.71
N ALA A 342 -7.36 -6.74 26.72
CA ALA A 342 -7.61 -8.15 26.96
C ALA A 342 -8.86 -8.55 26.20
N LEU A 343 -8.83 -9.76 25.64
CA LEU A 343 -9.91 -10.23 24.78
C LEU A 343 -10.17 -11.70 25.09
N THR A 344 -11.41 -12.14 24.82
CA THR A 344 -11.75 -13.55 24.93
C THR A 344 -12.48 -13.97 23.67
N ASP A 345 -12.67 -15.28 23.50
CA ASP A 345 -13.37 -15.81 22.34
C ASP A 345 -14.74 -16.35 22.70
N GLY A 346 -15.14 -16.19 23.95
CA GLY A 346 -16.38 -16.78 24.44
C GLY A 346 -16.29 -18.28 24.67
N LEU A 347 -15.11 -18.85 24.43
CA LEU A 347 -14.91 -20.30 24.58
C LEU A 347 -13.92 -20.64 25.69
N GLY A 348 -13.69 -19.69 26.60
CA GLY A 348 -12.80 -19.92 27.71
C GLY A 348 -11.38 -19.41 27.48
N ASN A 349 -11.07 -19.02 26.25
CA ASN A 349 -9.74 -18.48 25.99
C ASN A 349 -9.63 -17.01 26.35
N LEU A 350 -8.40 -16.58 26.62
CA LEU A 350 -8.14 -15.23 27.06
C LEU A 350 -6.79 -14.78 26.54
N THR A 351 -6.73 -13.56 26.03
CA THR A 351 -5.48 -13.01 25.54
C THR A 351 -5.27 -11.63 26.14
N ILE A 352 -4.03 -11.37 26.55
CA ILE A 352 -3.70 -10.14 27.23
C ILE A 352 -2.48 -9.52 26.57
N ILE A 353 -2.63 -8.30 26.09
CA ILE A 353 -1.58 -7.64 25.33
C ILE A 353 -1.17 -6.38 26.04
N ILE A 354 0.10 -6.30 26.42
CA ILE A 354 0.61 -5.20 27.20
C ILE A 354 1.75 -4.51 26.47
N GLU A 355 1.73 -3.19 26.39
CA GLU A 355 2.83 -2.45 25.77
C GLU A 355 3.27 -1.29 26.65
N THR A 356 4.55 -0.93 26.55
CA THR A 356 5.11 0.13 27.39
C THR A 356 5.97 1.07 26.55
N MET A 357 5.46 1.42 25.36
CA MET A 357 6.24 2.19 24.40
C MET A 357 6.57 3.60 24.88
N SER A 358 7.87 3.87 24.98
CA SER A 358 8.34 5.21 25.34
C SER A 358 8.05 6.19 24.22
N HIS A 359 7.81 7.44 24.60
CA HIS A 359 7.55 8.50 23.65
C HIS A 359 8.60 8.62 22.55
N GLN A 360 9.87 8.55 22.95
CA GLN A 360 10.97 8.76 22.01
C GLN A 360 11.11 7.62 21.00
N HIS A 361 10.59 6.43 21.32
CA HIS A 361 10.70 5.29 20.42
C HIS A 361 9.38 4.79 19.87
N SER A 362 8.39 5.68 19.75
CA SER A 362 7.09 5.25 19.22
C SER A 362 6.32 6.34 18.48
N MET A 363 7.02 7.37 18.02
CA MET A 363 6.37 8.46 17.31
C MET A 363 5.91 7.98 15.93
N CYS A 364 4.62 8.15 15.65
CA CYS A 364 4.10 7.96 14.30
C CYS A 364 4.25 9.31 13.61
N ILE A 365 4.15 9.33 12.28
CA ILE A 365 4.30 10.62 11.61
C ILE A 365 3.02 11.47 11.67
N ARG A 366 1.89 10.82 11.97
CA ARG A 366 0.59 11.50 11.95
C ARG A 366 -0.36 10.87 12.96
N PRO A 367 -0.64 11.57 14.08
CA PRO A 367 -0.02 12.83 14.52
C PRO A 367 1.20 12.58 15.42
N TYR A 368 1.94 13.65 15.70
CA TYR A 368 3.05 13.63 16.65
C TYR A 368 2.51 13.95 18.04
N LEU A 369 2.77 13.08 19.02
CA LEU A 369 2.26 13.25 20.38
C LEU A 369 3.18 14.11 21.25
N PRO A 370 2.59 14.96 22.10
CA PRO A 370 3.41 15.68 23.08
C PRO A 370 3.99 14.68 24.05
N TYR A 371 5.14 15.00 24.64
CA TYR A 371 5.83 14.09 25.54
C TYR A 371 4.91 13.43 26.57
N TYR A 372 5.21 12.17 26.87
CA TYR A 372 4.62 11.46 27.99
C TYR A 372 5.69 10.57 28.58
N ASN A 373 5.64 10.39 29.90
CA ASN A 373 6.66 9.67 30.63
C ASN A 373 6.31 8.18 30.69
N VAL A 374 7.33 7.33 30.59
CA VAL A 374 7.19 5.90 30.90
C VAL A 374 8.38 5.49 31.75
N SER A 375 8.11 4.79 32.84
CA SER A 375 9.19 4.34 33.73
C SER A 375 8.91 2.96 34.25
N HIS A 376 9.93 2.31 34.81
CA HIS A 376 9.77 0.96 35.34
C HIS A 376 8.59 0.90 36.29
N GLN A 377 7.86 -0.20 36.23
CA GLN A 377 6.71 -0.37 37.10
C GLN A 377 6.42 -1.84 37.24
N LEU A 378 5.59 -2.14 38.22
CA LEU A 378 5.10 -3.49 38.44
C LEU A 378 3.61 -3.45 38.22
N ALA A 379 3.07 -4.48 37.58
CA ALA A 379 1.64 -4.54 37.35
C ALA A 379 1.09 -5.87 37.85
N THR A 380 0.02 -5.80 38.63
CA THR A 380 -0.63 -7.00 39.15
C THR A 380 -1.95 -7.18 38.44
N PHE A 381 -2.18 -8.38 37.91
CA PHE A 381 -3.45 -8.63 37.24
C PHE A 381 -4.23 -9.68 38.01
N THR A 382 -5.52 -9.42 38.21
CA THR A 382 -6.38 -10.39 38.86
C THR A 382 -7.54 -10.77 37.97
N LEU A 383 -7.71 -12.07 37.78
CA LEU A 383 -8.76 -12.60 36.93
C LEU A 383 -10.01 -12.90 37.74
N LYS A 384 -10.99 -12.00 37.67
CA LYS A 384 -12.29 -12.23 38.29
C LYS A 384 -13.23 -12.87 37.27
N GLY A 385 -14.50 -13.01 37.63
CA GLY A 385 -15.47 -13.69 36.79
C GLY A 385 -15.01 -15.06 36.34
N SER A 386 -15.39 -15.43 35.12
CA SER A 386 -15.07 -16.73 34.56
C SER A 386 -13.59 -16.91 34.20
N LEU A 387 -12.82 -15.84 34.36
CA LEU A 387 -11.41 -15.89 34.04
C LEU A 387 -10.65 -16.56 35.19
N ARG A 388 -11.25 -16.53 36.38
CA ARG A 388 -10.63 -17.08 37.59
C ARG A 388 -10.26 -18.56 37.44
N GLU A 389 -11.04 -19.28 36.63
CA GLU A 389 -10.85 -20.72 36.44
C GLU A 389 -9.63 -21.08 35.58
N ILE A 390 -8.86 -20.09 35.16
CA ILE A 390 -7.68 -20.31 34.34
C ILE A 390 -6.43 -20.48 35.20
N GLN A 391 -5.73 -21.59 35.02
CA GLN A 391 -4.55 -21.90 35.84
C GLN A 391 -3.25 -21.47 35.19
N GLU A 392 -3.28 -21.34 33.86
CA GLU A 392 -2.06 -21.33 33.06
C GLU A 392 -2.10 -20.40 31.85
N LEU A 393 -0.98 -19.74 31.58
CA LEU A 393 -0.86 -18.82 30.47
C LEU A 393 0.47 -19.01 29.73
N GLN A 394 0.40 -19.02 28.40
CA GLN A 394 1.61 -18.94 27.60
C GLN A 394 2.05 -17.49 27.54
N VAL A 395 3.34 -17.27 27.39
CA VAL A 395 3.89 -15.92 27.44
C VAL A 395 4.79 -15.62 26.24
N TRP A 396 4.55 -14.49 25.58
CA TRP A 396 5.40 -14.04 24.49
C TRP A 396 5.93 -12.64 24.76
N TYR A 397 7.16 -12.38 24.33
CA TYR A 397 7.86 -11.18 24.75
C TYR A 397 8.64 -10.56 23.61
N THR A 398 8.63 -9.23 23.56
CA THR A 398 9.41 -8.50 22.56
C THR A 398 10.03 -7.27 23.22
N LYS A 399 11.26 -6.96 22.84
CA LYS A 399 11.93 -5.77 23.34
C LYS A 399 12.45 -4.95 22.17
N LEU A 400 11.90 -3.76 21.98
CA LEU A 400 12.33 -2.88 20.89
C LEU A 400 13.50 -2.01 21.34
N GLY A 401 14.35 -1.63 20.38
CA GLY A 401 15.50 -0.79 20.68
C GLY A 401 16.52 -0.79 19.55
N ARG A 406 17.65 -5.47 20.84
CA ARG A 406 16.39 -5.91 20.26
C ARG A 406 16.19 -7.43 20.29
N LEU A 407 15.06 -7.87 20.84
CA LEU A 407 14.67 -9.28 20.89
C LEU A 407 13.21 -9.40 20.44
N HIS A 408 12.94 -10.22 19.44
CA HIS A 408 11.63 -10.23 18.83
C HIS A 408 10.83 -11.53 19.03
N PHE A 409 9.58 -11.37 19.47
CA PHE A 409 8.61 -12.47 19.57
C PHE A 409 9.20 -13.74 20.19
N LYS A 410 9.90 -13.55 21.30
CA LYS A 410 10.55 -14.63 22.04
C LYS A 410 9.54 -15.25 23.00
N GLN A 411 9.34 -16.55 22.90
CA GLN A 411 8.45 -17.23 23.84
C GLN A 411 9.15 -17.42 25.19
N LEU A 412 8.47 -17.05 26.27
CA LEU A 412 9.02 -17.21 27.61
C LEU A 412 8.35 -18.36 28.34
N ASP A 413 8.82 -18.63 29.55
CA ASP A 413 8.29 -19.70 30.37
C ASP A 413 6.84 -19.46 30.74
N THR A 414 6.03 -20.49 30.53
CA THR A 414 4.63 -20.52 30.94
C THR A 414 4.40 -19.98 32.37
N LEU A 415 3.32 -19.21 32.54
CA LEU A 415 2.90 -18.76 33.87
C LEU A 415 1.79 -19.62 34.45
N TRP A 416 1.89 -19.91 35.75
CA TRP A 416 0.92 -20.71 36.46
C TRP A 416 0.30 -19.91 37.60
N LEU A 417 -1.02 -20.06 37.78
CA LEU A 417 -1.75 -19.32 38.79
C LEU A 417 -2.41 -20.29 39.76
N LEU A 418 -1.77 -21.45 39.91
CA LEU A 418 -2.30 -22.58 40.67
C LEU A 418 -2.75 -22.24 42.09
N ASP A 419 -2.21 -21.16 42.65
CA ASP A 419 -2.48 -20.81 44.05
C ASP A 419 -3.90 -20.28 44.31
N GLY A 420 -4.81 -20.56 43.38
CA GLY A 420 -6.21 -20.20 43.53
C GLY A 420 -6.51 -18.71 43.61
N SER A 421 -5.45 -17.91 43.62
CA SER A 421 -5.56 -16.47 43.75
C SER A 421 -6.19 -15.86 42.50
N GLY A 422 -5.92 -16.48 41.36
CA GLY A 422 -6.39 -15.95 40.09
C GLY A 422 -5.64 -14.68 39.76
N SER A 423 -4.42 -14.59 40.28
CA SER A 423 -3.63 -13.37 40.16
C SER A 423 -2.18 -13.64 39.80
N PHE A 424 -1.58 -12.65 39.12
CA PHE A 424 -0.17 -12.71 38.74
C PHE A 424 0.41 -11.30 38.65
N THR A 425 1.73 -11.21 38.64
CA THR A 425 2.42 -9.92 38.65
C THR A 425 3.56 -9.88 37.63
N LEU A 426 3.77 -8.71 37.02
CA LEU A 426 4.85 -8.53 36.05
C LEU A 426 5.77 -7.36 36.36
N GLU A 427 7.06 -7.56 36.07
CA GLU A 427 8.04 -6.49 36.07
C GLU A 427 8.11 -5.94 34.65
N LEU A 428 7.73 -4.68 34.48
CA LEU A 428 7.69 -4.09 33.14
C LEU A 428 8.67 -2.94 33.03
N GLU A 429 9.54 -2.99 32.03
CA GLU A 429 10.37 -1.83 31.71
C GLU A 429 9.76 -1.10 30.51
N GLU A 430 10.59 -0.31 29.82
CA GLU A 430 10.09 0.51 28.72
C GLU A 430 10.29 -0.21 27.39
N ASP A 431 9.47 0.15 26.41
CA ASP A 431 9.60 -0.38 25.06
C ASP A 431 9.44 -1.90 24.99
N GLU A 432 8.51 -2.43 25.78
CA GLU A 432 8.27 -3.86 25.81
C GLU A 432 6.84 -4.22 25.43
N ILE A 433 6.68 -5.41 24.86
CA ILE A 433 5.36 -5.99 24.63
C ILE A 433 5.31 -7.36 25.25
N PHE A 434 4.22 -7.64 25.97
CA PHE A 434 3.94 -8.97 26.48
C PHE A 434 2.61 -9.42 25.92
N THR A 435 2.55 -10.65 25.42
CA THR A 435 1.26 -11.27 25.18
C THR A 435 1.10 -12.48 26.09
N LEU A 436 -0.01 -12.47 26.83
CA LEU A 436 -0.32 -13.54 27.75
C LEU A 436 -1.61 -14.15 27.27
N THR A 437 -1.55 -15.42 26.92
CA THR A 437 -2.69 -16.06 26.30
C THR A 437 -2.77 -17.51 26.72
N THR A 438 -3.99 -18.03 26.71
CA THR A 438 -4.20 -19.43 26.94
C THR A 438 -3.74 -20.23 25.72
N LEU A 439 -3.84 -19.61 24.55
CA LEU A 439 -3.59 -20.30 23.28
C LEU A 439 -2.17 -20.87 23.14
N THR A 440 -2.12 -22.09 22.60
CA THR A 440 -0.89 -22.86 22.49
C THR A 440 -0.25 -22.75 21.10
N THR A 441 -0.94 -22.08 20.20
CA THR A 441 -0.63 -22.15 18.77
C THR A 441 0.42 -21.16 18.29
N GLY A 442 0.95 -20.37 19.21
CA GLY A 442 1.90 -19.33 18.83
C GLY A 442 3.11 -19.90 18.14
N ARG A 443 3.75 -19.09 17.28
CA ARG A 443 4.95 -19.53 16.60
C ARG A 443 5.70 -18.38 15.96
N LYS A 444 6.98 -18.25 16.29
CA LYS A 444 7.81 -17.34 15.52
C LYS A 444 8.27 -18.05 14.25
N GLY A 445 7.57 -17.77 13.15
CA GLY A 445 7.89 -18.38 11.87
C GLY A 445 9.29 -17.99 11.42
N SER A 446 9.92 -18.90 10.70
CA SER A 446 11.30 -18.72 10.30
C SER A 446 11.59 -19.38 8.96
N TYR A 447 12.26 -18.64 8.09
CA TYR A 447 12.85 -19.19 6.88
C TYR A 447 14.31 -18.81 6.92
N PRO A 448 15.16 -19.55 6.19
CA PRO A 448 16.57 -19.20 6.12
C PRO A 448 16.75 -17.75 5.67
N PRO A 449 17.90 -17.13 6.00
CA PRO A 449 18.09 -15.74 5.57
C PRO A 449 18.11 -15.66 4.05
N PRO A 450 17.53 -14.58 3.49
CA PRO A 450 17.53 -14.34 2.05
C PRO A 450 18.85 -13.70 1.63
N PRO A 451 19.17 -13.74 0.31
CA PRO A 451 20.40 -13.13 -0.24
C PRO A 451 20.66 -11.71 0.28
N SER A 452 21.95 -11.33 0.30
CA SER A 452 22.34 -9.98 0.71
C SER A 452 21.72 -8.95 -0.23
N SER A 453 21.58 -7.72 0.24
CA SER A 453 21.11 -6.63 -0.61
C SER A 453 22.15 -6.34 -1.66
N LYS A 454 21.69 -5.96 -2.86
CA LYS A 454 22.57 -5.58 -3.96
C LYS A 454 21.87 -4.49 -4.74
N PRO A 455 22.64 -3.54 -5.29
CA PRO A 455 22.05 -2.49 -6.11
C PRO A 455 21.36 -3.07 -7.34
N PHE A 456 20.45 -2.31 -7.94
CA PHE A 456 19.89 -2.66 -9.23
C PHE A 456 21.04 -2.89 -10.21
N PRO A 457 20.94 -3.94 -11.04
CA PRO A 457 21.93 -4.28 -12.07
C PRO A 457 22.39 -3.08 -12.90
N THR A 458 23.71 -2.89 -13.00
CA THR A 458 24.28 -1.75 -13.73
C THR A 458 24.21 -1.95 -15.24
N ASN A 459 23.85 -3.15 -15.65
CA ASN A 459 23.57 -3.48 -17.04
C ASN A 459 22.26 -4.24 -17.09
N TYR A 460 21.27 -3.69 -17.79
CA TYR A 460 19.93 -4.21 -17.74
C TYR A 460 19.23 -4.04 -19.07
N LYS A 461 18.45 -5.04 -19.45
CA LYS A 461 17.72 -4.98 -20.70
C LYS A 461 16.40 -5.71 -20.56
N ASP A 462 15.40 -5.22 -21.28
CA ASP A 462 14.15 -5.94 -21.41
C ASP A 462 13.66 -5.73 -22.84
N ASP A 463 13.46 -6.84 -23.55
CA ASP A 463 12.95 -6.78 -24.91
C ASP A 463 11.44 -7.05 -24.95
N PHE A 464 10.85 -7.23 -23.77
CA PHE A 464 9.40 -7.44 -23.63
C PHE A 464 8.85 -8.61 -24.47
N ASN A 465 9.73 -9.51 -24.90
CA ASN A 465 9.29 -10.62 -25.72
C ASN A 465 8.76 -11.76 -24.86
N VAL A 466 7.51 -11.61 -24.42
CA VAL A 466 6.83 -12.58 -23.57
C VAL A 466 5.46 -12.78 -24.18
N GLU A 467 5.15 -13.99 -24.60
CA GLU A 467 3.92 -14.19 -25.36
C GLU A 467 2.71 -14.28 -24.46
N TYR A 468 2.88 -14.98 -23.33
CA TYR A 468 1.81 -15.12 -22.36
C TYR A 468 2.27 -14.68 -20.97
N PRO A 469 2.39 -13.35 -20.77
CA PRO A 469 2.90 -12.86 -19.48
C PRO A 469 1.95 -13.17 -18.34
N LEU A 470 2.50 -13.43 -17.17
CA LEU A 470 1.69 -13.68 -15.99
C LEU A 470 1.07 -12.38 -15.47
N PHE A 471 1.84 -11.29 -15.54
CA PHE A 471 1.36 -9.96 -15.14
C PHE A 471 1.26 -9.00 -16.34
N SER A 472 0.41 -8.00 -16.22
CA SER A 472 0.09 -7.11 -17.35
C SER A 472 1.22 -6.14 -17.71
N GLU A 473 2.19 -5.96 -16.81
CA GLU A 473 3.33 -5.09 -17.11
C GLU A 473 4.69 -5.77 -16.85
N ALA A 474 5.68 -5.42 -17.66
CA ALA A 474 7.06 -5.84 -17.45
C ALA A 474 7.55 -5.48 -16.05
N PRO A 475 8.43 -6.31 -15.48
CA PRO A 475 8.96 -6.12 -14.12
C PRO A 475 9.79 -4.85 -13.98
N ASN A 476 9.80 -4.29 -12.77
CA ASN A 476 10.66 -3.16 -12.42
C ASN A 476 10.28 -1.79 -12.97
N PHE A 477 9.46 -1.75 -14.02
CA PHE A 477 8.92 -0.49 -14.50
C PHE A 477 7.78 -0.03 -13.58
N ALA A 478 8.06 1.03 -12.81
CA ALA A 478 7.07 1.61 -11.92
C ALA A 478 6.44 2.85 -12.53
N ASP A 479 5.22 2.71 -13.06
CA ASP A 479 4.52 3.84 -13.67
C ASP A 479 4.22 4.94 -12.65
N GLN A 480 4.52 6.20 -12.97
CA GLN A 480 4.26 7.33 -12.07
C GLN A 480 3.22 8.31 -12.64
N THR A 481 2.96 8.24 -13.94
CA THR A 481 1.77 8.86 -14.55
C THR A 481 1.50 8.07 -15.81
N GLY A 482 0.24 7.82 -16.13
CA GLY A 482 -0.07 6.91 -17.21
C GLY A 482 0.07 5.46 -16.77
N VAL A 483 -0.18 4.55 -17.70
CA VAL A 483 -0.16 3.13 -17.41
C VAL A 483 0.48 2.41 -18.59
N PHE A 484 1.48 1.57 -18.31
CA PHE A 484 2.22 0.86 -19.36
C PHE A 484 1.98 -0.64 -19.28
N GLU A 485 1.75 -1.28 -20.42
CA GLU A 485 1.34 -2.69 -20.46
C GLU A 485 2.07 -3.47 -21.55
N TYR A 486 2.25 -4.77 -21.34
CA TYR A 486 2.72 -5.64 -22.42
C TYR A 486 1.75 -5.47 -23.56
N TYR A 487 2.25 -5.49 -24.80
CA TYR A 487 1.38 -5.33 -25.96
C TYR A 487 1.86 -6.25 -27.09
N MET A 488 0.92 -6.95 -27.72
CA MET A 488 1.26 -7.81 -28.84
C MET A 488 0.68 -7.25 -30.14
N ASN A 489 1.54 -7.02 -31.12
CA ASN A 489 1.08 -6.59 -32.44
C ASN A 489 1.52 -7.63 -33.46
N ASN A 490 0.60 -8.53 -33.83
CA ASN A 490 0.89 -9.59 -34.80
C ASN A 490 1.28 -9.06 -36.18
N GLU A 491 0.65 -7.96 -36.57
CA GLU A 491 0.85 -7.39 -37.91
C GLU A 491 2.24 -6.82 -38.14
N ASP A 492 3.10 -6.87 -37.11
CA ASP A 492 4.51 -6.50 -37.25
C ASP A 492 5.37 -7.62 -36.70
N ARG A 493 6.38 -8.01 -37.47
CA ARG A 493 7.31 -9.06 -37.08
C ARG A 493 8.55 -8.51 -36.35
N GLU A 494 9.00 -7.32 -36.74
CA GLU A 494 10.19 -6.73 -36.13
C GLU A 494 9.89 -6.19 -34.71
N HIS A 495 8.63 -5.87 -34.46
CA HIS A 495 8.23 -5.37 -33.15
C HIS A 495 6.91 -6.01 -32.71
N ARG A 496 6.91 -7.33 -32.57
CA ARG A 496 5.68 -8.07 -32.29
C ARG A 496 5.26 -7.95 -30.82
N PHE A 497 6.24 -7.85 -29.93
CA PHE A 497 5.98 -7.74 -28.51
C PHE A 497 6.64 -6.48 -27.94
N THR A 498 5.82 -5.53 -27.50
CA THR A 498 6.32 -4.25 -27.04
C THR A 498 5.71 -3.88 -25.68
N LEU A 499 6.08 -2.71 -25.18
CA LEU A 499 5.44 -2.10 -24.01
C LEU A 499 4.69 -0.87 -24.51
N ARG A 500 3.42 -0.73 -24.11
CA ARG A 500 2.57 0.33 -24.64
C ARG A 500 1.94 1.17 -23.52
N GLN A 501 2.01 2.49 -23.64
CA GLN A 501 1.30 3.36 -22.72
C GLN A 501 -0.14 3.41 -23.22
N VAL A 502 -1.09 3.10 -22.33
CA VAL A 502 -2.46 2.86 -22.78
C VAL A 502 -3.52 3.89 -22.38
N LEU A 503 -3.16 4.89 -21.58
CA LEU A 503 -4.17 5.91 -21.23
C LEU A 503 -4.32 6.92 -22.36
N ASN A 504 -5.56 7.25 -22.73
CA ASN A 504 -5.77 8.26 -23.76
C ASN A 504 -6.46 9.50 -23.21
N GLN A 505 -6.61 9.56 -21.90
CA GLN A 505 -7.10 10.77 -21.25
C GLN A 505 -6.74 10.77 -19.76
N ARG A 506 -6.58 11.97 -19.19
CA ARG A 506 -6.18 12.13 -17.81
C ARG A 506 -7.23 11.50 -16.89
N PRO A 507 -6.81 10.73 -15.88
CA PRO A 507 -7.78 10.16 -14.93
C PRO A 507 -8.51 11.23 -14.10
N ILE A 508 -9.56 10.84 -13.39
CA ILE A 508 -10.05 11.61 -12.24
C ILE A 508 -9.01 11.39 -11.17
N THR A 509 -8.15 12.37 -10.99
CA THR A 509 -6.90 12.17 -10.27
C THR A 509 -7.10 12.27 -8.77
N TRP A 510 -6.24 11.59 -8.02
CA TRP A 510 -6.24 11.68 -6.58
C TRP A 510 -5.09 12.61 -6.23
N ALA A 511 -3.94 12.35 -6.85
CA ALA A 511 -2.74 13.16 -6.70
C ALA A 511 -2.64 14.17 -7.82
N ALA A 512 -1.55 14.91 -7.84
CA ALA A 512 -1.27 15.80 -8.97
C ALA A 512 -0.42 15.05 -9.99
N ASP A 513 -1.06 14.23 -10.84
CA ASP A 513 -0.32 13.48 -11.86
C ASP A 513 0.39 14.48 -12.80
N ALA A 514 1.50 14.06 -13.39
CA ALA A 514 2.17 14.87 -14.42
C ALA A 514 1.24 15.08 -15.62
N SER A 515 1.60 16.03 -16.49
CA SER A 515 0.89 16.22 -17.74
C SER A 515 1.43 15.29 -18.83
N SER A 516 2.58 14.70 -18.55
CA SER A 516 3.17 13.69 -19.43
C SER A 516 3.18 12.34 -18.70
N THR A 517 3.08 11.23 -19.44
CA THR A 517 3.18 9.92 -18.80
C THR A 517 4.66 9.56 -18.57
N ILE A 518 4.92 8.69 -17.60
CA ILE A 518 6.29 8.34 -17.24
C ILE A 518 6.34 7.09 -16.37
N SER A 519 7.27 6.20 -16.70
CA SER A 519 7.56 5.03 -15.88
C SER A 519 9.05 5.02 -15.53
N VAL A 520 9.37 4.87 -14.25
CA VAL A 520 10.77 4.90 -13.80
C VAL A 520 11.28 3.51 -13.46
N ILE A 521 12.60 3.34 -13.55
CA ILE A 521 13.20 2.02 -13.34
C ILE A 521 14.67 2.15 -12.94
N GLY A 522 15.12 1.25 -12.08
CA GLY A 522 16.54 1.10 -11.82
C GLY A 522 16.98 1.48 -10.42
N ASP A 523 18.05 2.26 -10.35
CA ASP A 523 18.68 2.63 -9.09
C ASP A 523 18.75 4.15 -9.01
N HIS A 524 18.04 4.71 -8.03
CA HIS A 524 17.99 6.16 -7.85
C HIS A 524 19.37 6.78 -7.62
N HIS A 525 20.32 5.97 -7.16
CA HIS A 525 21.70 6.43 -6.96
C HIS A 525 22.48 6.68 -8.25
N TRP A 526 22.03 6.08 -9.36
CA TRP A 526 22.71 6.21 -10.64
C TRP A 526 23.00 7.64 -11.00
N THR A 527 24.18 7.91 -11.54
CA THR A 527 24.54 9.28 -11.89
C THR A 527 25.10 9.40 -13.31
N ASN A 528 25.92 8.44 -13.71
CA ASN A 528 26.34 8.36 -15.11
C ASN A 528 25.67 7.17 -15.77
N MET A 529 25.00 7.40 -16.89
CA MET A 529 24.19 6.34 -17.46
C MET A 529 23.97 6.53 -18.95
N THR A 530 23.70 5.41 -19.60
CA THR A 530 23.30 5.42 -21.01
C THR A 530 22.01 4.63 -21.14
N VAL A 531 20.97 5.31 -21.60
CA VAL A 531 19.67 4.69 -21.77
C VAL A 531 19.36 4.58 -23.24
N GLN A 532 18.88 3.42 -23.66
CA GLN A 532 18.46 3.21 -25.04
C GLN A 532 17.10 2.54 -25.11
N CYS A 533 16.31 2.93 -26.10
CA CYS A 533 14.99 2.34 -26.29
C CYS A 533 14.48 2.63 -27.70
N ASP A 534 13.83 1.65 -28.30
CA ASP A 534 13.11 1.85 -29.55
C ASP A 534 11.77 2.47 -29.17
N VAL A 535 11.37 3.52 -29.87
CA VAL A 535 10.12 4.21 -29.57
C VAL A 535 9.25 4.33 -30.83
N TYR A 536 7.94 4.51 -30.64
CA TYR A 536 6.97 4.51 -31.72
C TYR A 536 5.80 5.42 -31.34
N ILE A 537 5.66 6.54 -32.04
CA ILE A 537 4.61 7.52 -31.75
C ILE A 537 3.33 7.21 -32.53
N GLU A 538 2.21 7.03 -31.84
CA GLU A 538 0.99 6.62 -32.53
C GLU A 538 0.13 7.78 -33.07
N THR A 539 0.26 8.96 -32.47
CA THR A 539 -0.56 10.11 -32.84
C THR A 539 0.11 11.02 -33.86
N PRO A 540 -0.46 11.12 -35.07
CA PRO A 540 0.11 11.98 -36.12
C PRO A 540 0.17 13.45 -35.71
N ARG A 541 1.19 14.16 -36.18
CA ARG A 541 1.32 15.61 -35.98
C ARG A 541 1.66 16.06 -34.55
N SER A 542 0.87 15.63 -33.58
CA SER A 542 0.95 16.16 -32.21
C SER A 542 1.69 15.28 -31.22
N GLY A 543 1.93 14.02 -31.60
CA GLY A 543 2.50 13.05 -30.69
C GLY A 543 3.95 13.26 -30.29
N GLY A 544 4.31 12.75 -29.11
CA GLY A 544 5.67 12.87 -28.63
C GLY A 544 6.02 11.83 -27.58
N VAL A 545 7.29 11.44 -27.54
CA VAL A 545 7.78 10.49 -26.56
C VAL A 545 9.13 10.95 -26.02
N PHE A 546 9.58 10.33 -24.93
CA PHE A 546 10.91 10.60 -24.40
C PHE A 546 11.55 9.41 -23.75
N ILE A 547 12.88 9.49 -23.58
CA ILE A 547 13.60 8.65 -22.64
C ILE A 547 14.35 9.61 -21.71
N ALA A 548 14.72 9.15 -20.53
CA ALA A 548 15.26 10.07 -19.53
C ALA A 548 16.23 9.39 -18.56
N GLY A 549 17.09 10.20 -17.95
CA GLY A 549 17.99 9.73 -16.91
C GLY A 549 18.12 10.73 -15.78
N ARG A 550 18.63 10.27 -14.64
CA ARG A 550 18.75 11.10 -13.42
C ARG A 550 17.38 11.60 -12.92
N VAL A 551 16.32 10.84 -13.20
CA VAL A 551 14.99 11.22 -12.73
C VAL A 551 14.90 11.11 -11.20
N ASN A 552 14.75 12.23 -10.51
CA ASN A 552 15.01 12.25 -9.06
C ASN A 552 13.81 12.19 -8.12
N LYS A 553 12.61 12.33 -8.66
CA LYS A 553 11.40 12.29 -7.84
C LYS A 553 10.30 11.52 -8.55
N GLY A 554 9.39 10.94 -7.78
CA GLY A 554 8.22 10.31 -8.35
C GLY A 554 7.09 10.29 -7.35
N GLY A 555 6.13 9.39 -7.56
CA GLY A 555 5.00 9.28 -6.67
C GLY A 555 4.15 10.54 -6.64
N ILE A 556 3.67 10.93 -5.45
CA ILE A 556 2.87 12.16 -5.38
C ILE A 556 3.68 13.40 -5.76
N LEU A 557 5.01 13.28 -5.78
CA LEU A 557 5.87 14.37 -6.22
C LEU A 557 6.29 14.30 -7.71
N ILE A 558 5.65 13.45 -8.50
CA ILE A 558 6.13 13.20 -9.88
C ILE A 558 6.21 14.49 -10.74
N ARG A 559 5.30 15.44 -10.49
CA ARG A 559 5.38 16.74 -11.17
C ARG A 559 6.67 17.51 -10.84
N SER A 560 7.30 17.15 -9.72
CA SER A 560 8.53 17.82 -9.31
C SER A 560 9.78 17.25 -9.95
N ALA A 561 9.63 16.18 -10.72
CA ALA A 561 10.81 15.44 -11.18
C ALA A 561 11.73 16.25 -12.08
N THR A 562 13.00 16.27 -11.71
CA THR A 562 14.04 16.83 -12.57
C THR A 562 14.88 15.68 -13.10
N GLY A 563 15.81 16.00 -14.01
CA GLY A 563 16.68 15.01 -14.60
C GLY A 563 17.11 15.46 -16.00
N VAL A 564 17.32 14.51 -16.90
CA VAL A 564 17.62 14.87 -18.29
C VAL A 564 16.63 14.15 -19.21
N PHE A 565 15.78 14.91 -19.88
CA PHE A 565 14.71 14.33 -20.69
C PHE A 565 14.94 14.61 -22.17
N PHE A 566 15.03 13.54 -22.95
CA PHE A 566 15.25 13.60 -24.41
C PHE A 566 13.92 13.31 -25.10
N TRP A 567 13.27 14.36 -25.61
CA TRP A 567 11.97 14.24 -26.26
C TRP A 567 12.08 14.27 -27.77
N ILE A 568 11.29 13.45 -28.46
CA ILE A 568 11.11 13.62 -29.90
C ILE A 568 9.62 13.72 -30.21
N PHE A 569 9.29 14.50 -31.23
CA PHE A 569 7.89 14.79 -31.55
C PHE A 569 7.59 14.47 -33.01
N ALA A 570 6.33 14.15 -33.30
CA ALA A 570 5.92 13.73 -34.64
C ALA A 570 5.81 14.90 -35.63
N ASN A 571 6.10 16.11 -35.19
CA ASN A 571 6.19 17.25 -36.10
C ASN A 571 7.62 17.52 -36.61
N GLY A 572 8.52 16.58 -36.35
CA GLY A 572 9.90 16.72 -36.79
C GLY A 572 10.73 17.63 -35.89
N SER A 573 10.60 17.45 -34.59
CA SER A 573 11.38 18.23 -33.64
C SER A 573 11.88 17.41 -32.46
N TYR A 574 12.84 17.95 -31.72
CA TYR A 574 13.30 17.37 -30.48
C TYR A 574 13.54 18.47 -29.46
N ARG A 575 13.66 18.08 -28.22
CA ARG A 575 13.92 19.02 -27.14
C ARG A 575 14.57 18.22 -26.02
N VAL A 576 15.56 18.83 -25.37
CA VAL A 576 16.18 18.23 -24.18
C VAL A 576 15.85 19.14 -23.00
N THR A 577 15.19 18.60 -21.97
CA THR A 577 14.81 19.42 -20.81
C THR A 577 15.42 18.94 -19.50
N ALA A 578 15.40 19.82 -18.50
CA ALA A 578 15.88 19.51 -17.16
C ALA A 578 14.77 18.99 -16.28
N ASP A 579 13.52 19.20 -16.71
CA ASP A 579 12.34 18.87 -15.90
C ASP A 579 11.29 18.10 -16.72
N LEU A 580 10.53 17.25 -16.04
CA LEU A 580 9.41 16.53 -16.66
C LEU A 580 8.40 17.52 -17.26
N GLY A 581 8.23 18.66 -16.60
CA GLY A 581 7.27 19.67 -17.05
C GLY A 581 7.75 20.42 -18.27
N GLY A 582 9.02 20.24 -18.64
CA GLY A 582 9.57 20.88 -19.83
C GLY A 582 9.73 22.39 -19.79
N TRP A 583 9.77 22.97 -18.59
CA TRP A 583 9.93 24.41 -18.45
C TRP A 583 11.37 24.87 -18.70
N ILE A 584 12.33 23.96 -18.53
CA ILE A 584 13.73 24.32 -18.59
C ILE A 584 14.45 23.59 -19.73
N THR A 585 14.94 24.34 -20.71
CA THR A 585 15.57 23.79 -21.90
C THR A 585 17.09 23.64 -21.84
N TYR A 586 17.57 22.42 -22.09
CA TYR A 586 19.00 22.15 -22.21
C TYR A 586 19.44 22.23 -23.67
N ALA A 587 18.54 21.82 -24.58
CA ALA A 587 18.79 21.85 -26.03
C ALA A 587 17.48 21.63 -26.78
N SER A 588 17.43 22.08 -28.04
CA SER A 588 16.25 21.88 -28.86
C SER A 588 16.58 22.06 -30.34
N GLY A 589 15.73 21.51 -31.20
CA GLY A 589 15.97 21.63 -32.62
C GLY A 589 15.08 20.76 -33.46
N HIS A 590 15.53 20.52 -34.69
CA HIS A 590 14.79 19.74 -35.66
C HIS A 590 15.32 18.33 -35.72
N ALA A 591 14.47 17.41 -36.16
CA ALA A 591 14.86 16.02 -36.32
C ALA A 591 13.93 15.37 -37.34
N ASP A 592 14.45 14.37 -38.04
CA ASP A 592 13.68 13.61 -39.00
C ASP A 592 12.81 12.58 -38.28
N VAL A 593 11.71 13.05 -37.72
CA VAL A 593 10.84 12.21 -36.91
C VAL A 593 9.39 12.44 -37.31
N THR A 594 8.66 11.35 -37.54
CA THR A 594 7.24 11.41 -37.86
C THR A 594 6.50 10.37 -37.01
N ALA A 595 5.17 10.36 -37.06
CA ALA A 595 4.40 9.33 -36.34
C ALA A 595 4.44 7.98 -37.07
N LYS A 596 4.05 6.92 -36.36
CA LYS A 596 3.93 5.57 -36.93
C LYS A 596 5.21 5.06 -37.59
N ARG A 597 6.35 5.40 -36.98
CA ARG A 597 7.62 4.88 -37.44
C ARG A 597 8.48 4.58 -36.23
N TRP A 598 9.18 3.45 -36.27
CA TRP A 598 10.06 3.04 -35.17
C TRP A 598 11.41 3.76 -35.18
N TYR A 599 11.78 4.40 -34.08
CA TYR A 599 13.10 5.01 -33.95
C TYR A 599 13.84 4.45 -32.75
N THR A 600 15.16 4.36 -32.84
CA THR A 600 16.00 4.01 -31.68
C THR A 600 16.55 5.28 -31.03
N LEU A 601 16.20 5.50 -29.76
CA LEU A 601 16.72 6.64 -29.03
C LEU A 601 17.86 6.23 -28.08
N THR A 602 18.95 6.99 -28.12
CA THR A 602 20.01 6.80 -27.14
C THR A 602 20.28 8.11 -26.39
N LEU A 603 20.36 8.00 -25.06
CA LEU A 603 20.66 9.15 -24.21
C LEU A 603 21.83 8.81 -23.31
N GLY A 604 22.91 9.57 -23.42
CA GLY A 604 24.08 9.36 -22.58
C GLY A 604 24.33 10.53 -21.65
N ILE A 605 24.54 10.24 -20.38
CA ILE A 605 24.78 11.29 -19.41
C ILE A 605 26.03 10.97 -18.59
N LYS A 606 26.95 11.91 -18.55
CA LYS A 606 28.19 11.73 -17.80
C LYS A 606 28.69 13.06 -17.27
N GLY A 607 28.80 13.17 -15.94
CA GLY A 607 29.18 14.41 -15.31
C GLY A 607 28.30 15.58 -15.74
N TYR A 608 28.94 16.64 -16.20
CA TYR A 608 28.30 17.88 -16.62
C TYR A 608 27.71 17.82 -18.02
N PHE A 609 27.84 16.68 -18.69
CA PHE A 609 27.54 16.63 -20.12
C PHE A 609 26.66 15.46 -20.57
N ALA A 610 25.84 15.73 -21.58
CA ALA A 610 24.97 14.71 -22.14
C ALA A 610 25.00 14.75 -23.67
N PHE A 611 24.56 13.65 -24.29
CA PHE A 611 24.44 13.57 -25.74
C PHE A 611 23.24 12.69 -26.05
N GLY A 612 22.66 12.87 -27.24
CA GLY A 612 21.53 12.06 -27.66
C GLY A 612 21.73 11.52 -29.07
N MET A 613 21.28 10.29 -29.31
CA MET A 613 21.36 9.70 -30.63
C MET A 613 19.99 9.32 -31.19
N LEU A 614 19.85 9.45 -32.51
CA LEU A 614 18.68 9.00 -33.23
C LEU A 614 19.14 7.97 -34.26
N ASN A 615 18.63 6.75 -34.16
CA ASN A 615 19.05 5.66 -35.03
C ASN A 615 20.58 5.50 -35.12
N GLY A 616 21.25 5.58 -33.97
CA GLY A 616 22.69 5.40 -33.93
C GLY A 616 23.51 6.61 -34.38
N THR A 617 22.83 7.63 -34.88
CA THR A 617 23.53 8.84 -35.35
C THR A 617 23.34 10.02 -34.39
N ILE A 618 24.42 10.73 -34.11
CA ILE A 618 24.39 11.85 -33.18
C ILE A 618 23.43 12.96 -33.59
N LEU A 619 22.54 13.31 -32.67
CA LEU A 619 21.61 14.40 -32.91
C LEU A 619 22.10 15.65 -32.16
N TRP A 620 22.60 15.43 -30.95
CA TRP A 620 23.16 16.50 -30.11
C TRP A 620 24.23 15.92 -29.19
N LYS A 621 25.22 16.74 -28.85
CA LYS A 621 26.43 16.24 -28.21
C LYS A 621 27.01 17.30 -27.29
N ASN A 622 27.67 16.87 -26.22
CA ASN A 622 28.31 17.78 -25.28
C ASN A 622 27.40 18.89 -24.78
N VAL A 623 26.14 18.55 -24.51
CA VAL A 623 25.20 19.51 -23.95
C VAL A 623 25.36 19.56 -22.44
N ARG A 624 25.56 20.77 -21.92
CA ARG A 624 25.84 20.95 -20.51
C ARG A 624 24.55 20.76 -19.69
N VAL A 625 24.63 19.90 -18.67
CA VAL A 625 23.50 19.67 -17.77
C VAL A 625 23.95 19.93 -16.33
N LYS A 626 23.00 20.04 -15.42
CA LYS A 626 23.31 20.23 -14.02
C LYS A 626 24.05 19.04 -13.46
N TYR A 627 25.05 19.32 -12.63
CA TYR A 627 25.88 18.29 -12.00
C TYR A 627 26.48 18.85 -10.73
N PRO A 628 26.49 18.07 -9.64
CA PRO A 628 26.06 16.66 -9.56
C PRO A 628 24.54 16.46 -9.62
N GLY A 629 24.13 15.25 -10.00
CA GLY A 629 22.74 14.88 -10.04
C GLY A 629 22.62 13.37 -10.16
N HIS A 630 21.52 12.81 -9.67
CA HIS A 630 21.32 11.36 -9.70
C HIS A 630 19.84 10.99 -9.73
N GLY A 631 19.51 9.82 -10.26
CA GLY A 631 18.13 9.37 -10.32
C GLY A 631 17.93 8.22 -11.28
N TRP A 632 16.67 7.77 -11.42
CA TRP A 632 16.33 6.63 -12.27
C TRP A 632 16.41 6.91 -13.76
N ALA A 633 16.34 5.84 -14.55
CA ALA A 633 16.03 5.95 -15.98
C ALA A 633 14.51 5.98 -16.12
N ALA A 634 14.03 6.43 -17.28
CA ALA A 634 12.59 6.50 -17.48
C ALA A 634 12.21 6.55 -18.96
N ILE A 635 10.95 6.23 -19.23
CA ILE A 635 10.40 6.36 -20.58
C ILE A 635 9.04 7.02 -20.40
N GLY A 636 8.52 7.64 -21.45
CA GLY A 636 7.18 8.19 -21.35
C GLY A 636 6.67 8.84 -22.62
N THR A 637 5.54 9.53 -22.50
CA THR A 637 4.88 10.14 -23.65
C THR A 637 4.51 11.59 -23.34
N HIS A 638 4.41 12.42 -24.38
CA HIS A 638 4.14 13.85 -24.16
C HIS A 638 2.84 14.17 -23.43
N THR A 639 1.72 13.56 -23.84
CA THR A 639 0.50 13.64 -23.05
C THR A 639 -0.05 12.23 -22.78
N PHE A 640 -1.32 12.14 -22.37
CA PHE A 640 -1.99 10.85 -22.28
C PHE A 640 -2.34 10.39 -23.69
N GLU A 641 -1.41 9.65 -24.29
CA GLU A 641 -1.52 9.25 -25.69
C GLU A 641 -0.86 7.88 -25.89
N PHE A 642 -1.30 7.14 -26.91
CA PHE A 642 -0.75 5.82 -27.18
C PHE A 642 0.67 5.94 -27.74
N ALA A 643 1.56 5.09 -27.25
CA ALA A 643 2.91 4.99 -27.80
C ALA A 643 3.49 3.64 -27.41
N GLN A 644 4.47 3.18 -28.18
CA GLN A 644 5.07 1.88 -27.90
C GLN A 644 6.57 1.98 -27.69
N PHE A 645 7.11 1.03 -26.93
CA PHE A 645 8.52 1.00 -26.59
C PHE A 645 9.01 -0.42 -26.75
N ASP A 646 10.28 -0.58 -27.14
CA ASP A 646 10.81 -1.93 -27.37
C ASP A 646 12.32 -1.91 -27.15
N ASN A 647 12.87 -3.09 -26.85
CA ASN A 647 14.32 -3.27 -26.70
C ASN A 647 14.98 -2.24 -25.79
N PHE A 648 14.54 -2.23 -24.53
CA PHE A 648 15.02 -1.25 -23.57
C PHE A 648 16.36 -1.67 -23.00
N ARG A 649 17.29 -0.72 -22.91
CA ARG A 649 18.61 -1.01 -22.32
C ARG A 649 19.08 0.15 -21.47
N VAL A 650 19.75 -0.18 -20.37
CA VAL A 650 20.42 0.85 -19.59
C VAL A 650 21.73 0.26 -19.05
N GLU A 651 22.79 1.05 -19.16
CA GLU A 651 24.00 0.74 -18.43
C GLU A 651 24.35 1.97 -17.63
N ALA A 652 24.66 1.78 -16.35
CA ALA A 652 24.81 2.91 -15.45
C ALA A 652 25.92 2.69 -14.44
N ALA A 653 26.40 3.80 -13.88
CA ALA A 653 27.37 3.77 -12.78
C ALA A 653 26.76 4.48 -11.59
N ARG A 654 26.78 3.82 -10.44
CA ARG A 654 26.14 4.31 -9.23
C ARG A 654 27.04 5.30 -8.50
C1 NAG B . -15.63 4.16 24.29
C2 NAG B . -16.89 3.72 25.02
C3 NAG B . -16.97 4.33 26.43
C4 NAG B . -15.64 4.48 27.14
C5 NAG B . -14.48 4.79 26.19
C6 NAG B . -13.13 4.61 26.82
C7 NAG B . -18.93 3.22 23.72
C8 NAG B . -18.63 1.77 23.96
N2 NAG B . -18.06 4.09 24.25
O3 NAG B . -17.83 3.49 27.20
O4 NAG B . -15.72 5.59 28.02
O5 NAG B . -14.53 3.90 25.07
O6 NAG B . -12.10 5.09 25.97
O7 NAG B . -19.91 3.60 23.09
C1 NAG B . -15.66 5.38 29.45
C2 NAG B . -16.65 4.36 30.04
C3 NAG B . -16.49 4.25 31.57
C4 NAG B . -15.02 4.18 32.00
C5 NAG B . -14.20 5.24 31.27
C6 NAG B . -12.72 5.17 31.56
C7 NAG B . -19.07 3.94 29.80
C8 NAG B . -20.38 4.54 29.40
N2 NAG B . -18.01 4.75 29.71
O3 NAG B . -17.15 3.06 32.02
O4 NAG B . -14.92 4.41 33.40
O5 NAG B . -14.36 5.06 29.86
O6 NAG B . -11.98 5.98 30.66
O7 NAG B . -18.97 2.77 30.17
C1 NAG C . -9.36 -21.90 22.89
C2 NAG C . -10.60 -22.70 23.33
C3 NAG C . -10.70 -24.01 22.55
C4 NAG C . -10.50 -23.79 21.05
C5 NAG C . -9.31 -22.88 20.76
C6 NAG C . -9.21 -22.48 19.31
C7 NAG C . -9.61 -23.63 25.40
C8 NAG C . -9.79 -23.77 26.88
N2 NAG C . -10.57 -22.95 24.77
O3 NAG C . -11.99 -24.58 22.80
O4 NAG C . -10.24 -25.05 20.42
O5 NAG C . -9.42 -21.68 21.51
O6 NAG C . -10.50 -22.46 18.69
O7 NAG C . -8.64 -24.10 24.82
C1 NAG C . -11.30 -25.46 19.54
C2 NAG C . -10.84 -26.73 18.81
C3 NAG C . -11.93 -27.23 17.86
C4 NAG C . -13.25 -27.37 18.60
C5 NAG C . -13.60 -26.08 19.32
C6 NAG C . -14.86 -26.18 20.15
C7 NAG C . -8.39 -26.62 18.65
C8 NAG C . -7.22 -26.33 17.76
N2 NAG C . -9.60 -26.50 18.09
O3 NAG C . -11.55 -28.46 17.28
O4 NAG C . -14.28 -27.72 17.69
O5 NAG C . -12.54 -25.71 20.20
O6 NAG C . -14.67 -25.62 21.45
O7 NAG C . -8.25 -26.94 19.83
C1 NAG D . 30.46 10.11 -13.38
C2 NAG D . 31.41 9.57 -12.30
C3 NAG D . 32.27 10.70 -11.75
C4 NAG D . 32.94 11.48 -12.87
C5 NAG D . 31.90 11.93 -13.89
C6 NAG D . 32.49 12.64 -15.09
C7 NAG D . 30.43 7.61 -11.18
C8 NAG D . 29.67 7.13 -9.99
N2 NAG D . 30.67 8.93 -11.23
O3 NAG D . 33.24 10.19 -10.86
O4 NAG D . 33.59 12.63 -12.33
O5 NAG D . 31.21 10.78 -14.40
O6 NAG D . 33.70 12.04 -15.51
O7 NAG D . 30.81 6.85 -12.07
C1 NAG D . 35.00 12.63 -12.58
C2 NAG D . 35.50 13.99 -12.14
C3 NAG D . 37.01 14.11 -12.34
C4 NAG D . 37.73 12.95 -11.68
C5 NAG D . 37.15 11.63 -12.19
C6 NAG D . 37.77 10.42 -11.54
C7 NAG D . 33.90 15.86 -12.26
C8 NAG D . 33.27 16.89 -13.15
N2 NAG D . 34.80 15.06 -12.85
O3 NAG D . 37.47 15.34 -11.79
O4 NAG D . 39.12 12.99 -11.96
O5 NAG D . 35.74 11.59 -11.90
O6 NAG D . 36.94 9.88 -10.51
O7 NAG D . 33.60 15.74 -11.08
C1 GAL E . -2.74 8.65 3.11
C2 GAL E . -3.09 7.91 1.77
C3 GAL E . -2.03 6.82 1.38
C4 GAL E . -0.61 7.31 1.62
C5 GAL E . -0.50 7.75 3.06
C6 GAL E . 0.92 8.23 3.46
O1 GAL E . -3.37 9.89 3.16
O2 GAL E . -4.39 7.27 1.84
O3 GAL E . -2.13 6.46 -0.02
O4 GAL E . -0.33 8.43 0.76
O5 GAL E . -1.37 8.89 3.28
O6 GAL E . 0.96 8.62 4.86
C1 NAG F . 9.52 10.26 34.49
C2 NAG F . 10.42 11.47 34.81
C3 NAG F . 11.52 11.07 35.78
C4 NAG F . 10.93 10.42 37.02
C5 NAG F . 10.05 9.24 36.60
C6 NAG F . 9.37 8.57 37.77
C7 NAG F . 10.54 13.14 32.99
C8 NAG F . 11.26 13.56 31.76
N2 NAG F . 11.00 12.02 33.59
O3 NAG F . 12.26 12.24 36.16
O4 NAG F . 11.97 9.93 37.86
O5 NAG F . 9.02 9.71 35.73
O6 NAG F . 8.04 9.04 37.95
O7 NAG F . 9.58 13.76 33.44
CA CA G . 10.17 -6.81 -28.19
#